data_376D
# 
_entry.id   376D 
# 
_audit_conform.dict_name       mmcif_pdbx.dic 
_audit_conform.dict_version    5.389 
_audit_conform.dict_location   http://mmcif.pdb.org/dictionaries/ascii/mmcif_pdbx.dic 
# 
loop_
_database_2.database_id 
_database_2.database_code 
_database_2.pdbx_database_accession 
_database_2.pdbx_DOI 
PDB   376D         pdb_0000376d 10.2210/pdb376d/pdb 
RCSB  UDIB70       ?            ?                   
WWPDB D_1000178844 ?            ?                   
# 
loop_
_pdbx_audit_revision_history.ordinal 
_pdbx_audit_revision_history.data_content_type 
_pdbx_audit_revision_history.major_revision 
_pdbx_audit_revision_history.minor_revision 
_pdbx_audit_revision_history.revision_date 
1 'Structure model' 1 0 1999-10-26 
2 'Structure model' 1 1 2008-05-22 
3 'Structure model' 1 2 2011-07-13 
4 'Structure model' 1 3 2024-02-21 
5 'Structure model' 1 4 2024-04-03 
# 
_pdbx_audit_revision_details.ordinal             1 
_pdbx_audit_revision_details.revision_ordinal    1 
_pdbx_audit_revision_details.data_content_type   'Structure model' 
_pdbx_audit_revision_details.provider            repository 
_pdbx_audit_revision_details.type                'Initial release' 
_pdbx_audit_revision_details.description         ? 
_pdbx_audit_revision_details.details             ? 
# 
loop_
_pdbx_audit_revision_group.ordinal 
_pdbx_audit_revision_group.revision_ordinal 
_pdbx_audit_revision_group.data_content_type 
_pdbx_audit_revision_group.group 
1 2 'Structure model' 'Version format compliance' 
2 3 'Structure model' 'Version format compliance' 
3 4 'Structure model' 'Data collection'           
4 4 'Structure model' 'Database references'       
5 4 'Structure model' 'Derived calculations'      
6 5 'Structure model' 'Refinement description'    
# 
loop_
_pdbx_audit_revision_category.ordinal 
_pdbx_audit_revision_category.revision_ordinal 
_pdbx_audit_revision_category.data_content_type 
_pdbx_audit_revision_category.category 
1 4 'Structure model' chem_comp_atom                
2 4 'Structure model' chem_comp_bond                
3 4 'Structure model' database_2                    
4 4 'Structure model' struct_conn                   
5 4 'Structure model' struct_site                   
6 5 'Structure model' pdbx_initial_refinement_model 
# 
loop_
_pdbx_audit_revision_item.ordinal 
_pdbx_audit_revision_item.revision_ordinal 
_pdbx_audit_revision_item.data_content_type 
_pdbx_audit_revision_item.item 
1 4 'Structure model' '_database_2.pdbx_DOI'                
2 4 'Structure model' '_database_2.pdbx_database_accession' 
3 4 'Structure model' '_struct_conn.pdbx_leaving_atom_flag' 
4 4 'Structure model' '_struct_site.pdbx_auth_asym_id'      
5 4 'Structure model' '_struct_site.pdbx_auth_comp_id'      
6 4 'Structure model' '_struct_site.pdbx_auth_seq_id'       
# 
_pdbx_database_status.status_code                     REL 
_pdbx_database_status.entry_id                        376D 
_pdbx_database_status.recvd_initial_deposition_date   1998-01-22 
_pdbx_database_status.deposit_site                    NDB 
_pdbx_database_status.process_site                    NDB 
_pdbx_database_status.SG_entry                        . 
_pdbx_database_status.pdb_format_compatible           Y 
_pdbx_database_status.status_code_mr                  ? 
_pdbx_database_status.status_code_sf                  ? 
_pdbx_database_status.status_code_cs                  ? 
_pdbx_database_status.status_code_nmr_data            ? 
_pdbx_database_status.methods_development_category    ? 
# 
loop_
_audit_author.name 
_audit_author.pdbx_ordinal 
'Cruse, W.B.T.'     1 
'Shepard, W.'       2 
'Prange, T.'        3 
'delalFortelle, E.' 4 
'Fourme, R.'        5 
# 
loop_
_citation.id 
_citation.title 
_citation.journal_abbrev 
_citation.journal_volume 
_citation.page_first 
_citation.page_last 
_citation.year 
_citation.journal_id_ASTM 
_citation.country 
_citation.journal_id_ISSN 
_citation.journal_id_CSD 
_citation.book_publisher 
_citation.pdbx_database_id_PubMed 
_citation.pdbx_database_id_DOI 
primary 'A zipper-like duplex in DNA: the crystal structure of d(GCGAAAGCT) at 2.1 A resolution.'                                
Structure            6   849  861  1998 STRUE6 UK 0969-2126 2005 ? 9687367 '10.1016/S0969-2126(98)00087-2' 
1       'RNA Tertiary Structure Mediation by Adenosine Platforms'                                                                
Science              273 1696 1699 1997 SCIEAS US 0036-8075 0038 ? ?       ?                               
2       'Solution Structure of a Metal-binding Site in the Major Groove of RNA Complexed with Cobalt(III) Hexammine'             
Structure            5   713  721  1997 STRUE6 UK 0969-2126 2005 ? ?       ?                               
3       'Extraordinary Stable Structure of Short Single-Stranded DNA Fragments Containing a Specific Base Sequence: d(GCGAAAGC)' 
'Nucleic Acids Res.' 17  2223 2231 1989 NARHAD UK 0305-1048 0389 ? ?       ?                               
4       'Structural Basis for Stabilisation of Z-DNA by Cobalt Haxaammine and Magnesium Cations'                                 
Biochemistry         24  237  240  1985 BICHAW US 0006-2960 0033 ? ?       ?                               
# 
loop_
_citation_author.citation_id 
_citation_author.name 
_citation_author.ordinal 
_citation_author.identifier_ORCID 
primary 'Shepard, W.'        1  ? 
primary 'Cruse, W.B.'        2  ? 
primary 'Fourme, R.'         3  ? 
primary 'de la Fortelle, E.' 4  ? 
primary 'Prange, T.'         5  ? 
1       'Cate, J.H.'         6  ? 
1       'Gooding, A.R.'      7  ? 
1       'Podell, E.'         8  ? 
1       'Zhou, K.'           9  ? 
1       'Golden, B.L.'       10 ? 
1       'Szewczak, A.A.'     11 ? 
1       'Kundrot, C.E.'      12 ? 
1       'Cech, T.R.'         13 ? 
1       'Doudna, J.A.'       14 ? 
2       'Kieft, J.S.'        15 ? 
2       'Tinoco Jr., I.'     16 ? 
3       'Hirao, I.'          17 ? 
3       'Nichimura, Y.'      18 ? 
3       'Naraoka, T.'        19 ? 
3       'Watanabe, K.'       20 ? 
3       'Arata, Y.'          21 ? 
3       'Miura, K.'          22 ? 
4       'Geissner, R.V.'     23 ? 
4       'Quigley, G.J.'      24 ? 
4       'Wang, H.J.'         25 ? 
4       'van der Marel, A.'  26 ? 
4       'van Boom, J.H.'     27 ? 
# 
loop_
_entity.id 
_entity.type 
_entity.src_method 
_entity.pdbx_description 
_entity.formula_weight 
_entity.pdbx_number_of_molecules 
_entity.pdbx_ec 
_entity.pdbx_mutation 
_entity.pdbx_fragment 
_entity.details 
1 polymer     man 
;DNA (5'-D(*GP*(CBR)P*GP*AP*AP*AP*GP*CP*T)-3')
;
2843.733 1  ? ? ? ? 
2 non-polymer syn 'COBALT HEXAMMINE(III)'                         161.116  1  ? ? ? ? 
3 water       nat water                                           18.015   18 ? ? ? ? 
# 
_entity_poly.entity_id                      1 
_entity_poly.type                           polydeoxyribonucleotide 
_entity_poly.nstd_linkage                   no 
_entity_poly.nstd_monomer                   yes 
_entity_poly.pdbx_seq_one_letter_code       '(DG)(CBR)(DG)(DA)(DA)(DA)(DG)(DC)(DT)' 
_entity_poly.pdbx_seq_one_letter_code_can   GCGAAAGCT 
_entity_poly.pdbx_strand_id                 A 
_entity_poly.pdbx_target_identifier         ? 
# 
loop_
_pdbx_entity_nonpoly.entity_id 
_pdbx_entity_nonpoly.name 
_pdbx_entity_nonpoly.comp_id 
2 'COBALT HEXAMMINE(III)' NCO 
3 water                   HOH 
# 
loop_
_entity_poly_seq.entity_id 
_entity_poly_seq.num 
_entity_poly_seq.mon_id 
_entity_poly_seq.hetero 
1 1 DG  n 
1 2 CBR n 
1 3 DG  n 
1 4 DA  n 
1 5 DA  n 
1 6 DA  n 
1 7 DG  n 
1 8 DC  n 
1 9 DT  n 
# 
loop_
_chem_comp.id 
_chem_comp.type 
_chem_comp.mon_nstd_flag 
_chem_comp.name 
_chem_comp.pdbx_synonyms 
_chem_comp.formula 
_chem_comp.formula_weight 
CBR 'DNA linking' n "5-BROMO-2'-DEOXY-CYTIDINE-5'-MONOPHOSPHATE" ? 'C9 H13 Br N3 O7 P' 386.093 
DA  'DNA linking' y "2'-DEOXYADENOSINE-5'-MONOPHOSPHATE"         ? 'C10 H14 N5 O6 P'   331.222 
DC  'DNA linking' y "2'-DEOXYCYTIDINE-5'-MONOPHOSPHATE"          ? 'C9 H14 N3 O7 P'    307.197 
DG  'DNA linking' y "2'-DEOXYGUANOSINE-5'-MONOPHOSPHATE"         ? 'C10 H14 N5 O7 P'   347.221 
DT  'DNA linking' y "THYMIDINE-5'-MONOPHOSPHATE"                 ? 'C10 H15 N2 O8 P'   322.208 
HOH non-polymer   . WATER                                        ? 'H2 O'              18.015  
NCO non-polymer   . 'COBALT HEXAMMINE(III)'                      ? 'Co H18 N6 3'       161.116 
# 
loop_
_pdbx_poly_seq_scheme.asym_id 
_pdbx_poly_seq_scheme.entity_id 
_pdbx_poly_seq_scheme.seq_id 
_pdbx_poly_seq_scheme.mon_id 
_pdbx_poly_seq_scheme.ndb_seq_num 
_pdbx_poly_seq_scheme.pdb_seq_num 
_pdbx_poly_seq_scheme.auth_seq_num 
_pdbx_poly_seq_scheme.pdb_mon_id 
_pdbx_poly_seq_scheme.auth_mon_id 
_pdbx_poly_seq_scheme.pdb_strand_id 
_pdbx_poly_seq_scheme.pdb_ins_code 
_pdbx_poly_seq_scheme.hetero 
A 1 1 DG  1 1 1 DG  G   A . n 
A 1 2 CBR 2 2 2 CBR BRO A . n 
A 1 3 DG  3 3 3 DG  G   A . n 
A 1 4 DA  4 4 4 DA  A   A . n 
A 1 5 DA  5 5 5 DA  A   A . n 
A 1 6 DA  6 6 6 DA  A   A . n 
A 1 7 DG  7 7 7 DG  G   A . n 
A 1 8 DC  8 8 8 DC  C   A . n 
A 1 9 DT  9 9 9 DT  T   A . n 
# 
loop_
_pdbx_nonpoly_scheme.asym_id 
_pdbx_nonpoly_scheme.entity_id 
_pdbx_nonpoly_scheme.mon_id 
_pdbx_nonpoly_scheme.ndb_seq_num 
_pdbx_nonpoly_scheme.pdb_seq_num 
_pdbx_nonpoly_scheme.auth_seq_num 
_pdbx_nonpoly_scheme.pdb_mon_id 
_pdbx_nonpoly_scheme.auth_mon_id 
_pdbx_nonpoly_scheme.pdb_strand_id 
_pdbx_nonpoly_scheme.pdb_ins_code 
B 2 NCO 1  10 10 NCO NCO A . 
C 3 HOH 1  11 11 HOH HOH A . 
C 3 HOH 2  12 12 HOH HOH A . 
C 3 HOH 3  13 13 HOH HOH A . 
C 3 HOH 4  14 14 HOH HOH A . 
C 3 HOH 5  15 15 HOH HOH A . 
C 3 HOH 6  16 16 HOH HOH A . 
C 3 HOH 7  17 17 HOH HOH A . 
C 3 HOH 8  18 18 HOH HOH A . 
C 3 HOH 9  19 19 HOH HOH A . 
C 3 HOH 10 20 20 HOH HOH A . 
C 3 HOH 11 21 21 HOH HOH A . 
C 3 HOH 12 22 22 HOH HOH A . 
C 3 HOH 13 23 23 HOH HOH A . 
C 3 HOH 14 24 24 HOH HOH A . 
C 3 HOH 15 25 25 HOH HOH A . 
C 3 HOH 16 26 26 HOH HOH A . 
C 3 HOH 17 27 27 HOH HOH A . 
C 3 HOH 18 28 28 HOH HOH A . 
# 
loop_
_pdbx_unobs_or_zero_occ_atoms.id 
_pdbx_unobs_or_zero_occ_atoms.PDB_model_num 
_pdbx_unobs_or_zero_occ_atoms.polymer_flag 
_pdbx_unobs_or_zero_occ_atoms.occupancy_flag 
_pdbx_unobs_or_zero_occ_atoms.auth_asym_id 
_pdbx_unobs_or_zero_occ_atoms.auth_comp_id 
_pdbx_unobs_or_zero_occ_atoms.auth_seq_id 
_pdbx_unobs_or_zero_occ_atoms.PDB_ins_code 
_pdbx_unobs_or_zero_occ_atoms.auth_atom_id 
_pdbx_unobs_or_zero_occ_atoms.label_alt_id 
_pdbx_unobs_or_zero_occ_atoms.label_asym_id 
_pdbx_unobs_or_zero_occ_atoms.label_comp_id 
_pdbx_unobs_or_zero_occ_atoms.label_seq_id 
_pdbx_unobs_or_zero_occ_atoms.label_atom_id 
1 1 N 1 A NCO 10 ? N3 ? B NCO 1 N3 
2 1 N 1 A NCO 10 ? N4 ? B NCO 1 N4 
3 1 N 1 A NCO 10 ? N5 ? B NCO 1 N5 
4 1 N 1 A NCO 10 ? N6 ? B NCO 1 N6 
# 
loop_
_software.name 
_software.classification 
_software.version 
_software.citation_id 
_software.pdbx_ordinal 
MADLSQ 'model building' '+ CCP4 PACKAGE' ? 1 
X-PLOR refinement       .                ? 2 
MOSFLM 'data reduction' .                ? 3 
CCP4   'data scaling'   '(SCALA)'        ? 4 
MADLSQ phasing          .                ? 5 
CCP4   phasing          .                ? 6 
# 
_cell.entry_id           376D 
_cell.length_a           37.560 
_cell.length_b           37.560 
_cell.length_c           65.390 
_cell.angle_alpha        90.00 
_cell.angle_beta         90.00 
_cell.angle_gamma        120.00 
_cell.Z_PDB              12 
_cell.pdbx_unique_axis   ? 
# 
_symmetry.entry_id                         376D 
_symmetry.space_group_name_H-M             'P 63 2 2' 
_symmetry.pdbx_full_space_group_name_H-M   ? 
_symmetry.cell_setting                     hexagonal 
_symmetry.Int_Tables_number                182 
# 
_exptl.entry_id          376D 
_exptl.method            'X-RAY DIFFRACTION' 
_exptl.crystals_number   3 
# 
_exptl_crystal.id                    1 
_exptl_crystal.density_meas          ? 
_exptl_crystal.density_Matthews      2.30 
_exptl_crystal.density_percent_sol   36.0000 
_exptl_crystal.description           ? 
# 
loop_
_exptl_crystal_grow_comp.crystal_id 
_exptl_crystal_grow_comp.id 
_exptl_crystal_grow_comp.sol_id 
_exptl_crystal_grow_comp.name 
_exptl_crystal_grow_comp.volume 
_exptl_crystal_grow_comp.conc 
_exptl_crystal_grow_comp.details 
1 1 1 WATER          ? ? ? 
1 2 1 CACODYLATE     ? ? ? 
1 3 1 '[CO(NH3)6]3+' ? ? ? 
1 4 1 MPD            ? ? ? 
# 
_diffrn.id                     1 
_diffrn.ambient_temp           276.00 
_diffrn.ambient_temp_details   ? 
_diffrn.crystal_id             1 
# 
_diffrn_detector.diffrn_id              1 
_diffrn_detector.detector               'IMAGE PLATE' 
_diffrn_detector.type                   MARRESEARCH 
_diffrn_detector.pdbx_collection_date   1996-09-01 
_diffrn_detector.details                'DOUBLE MONO + MULTILAYER FOCUS' 
# 
_diffrn_radiation.diffrn_id                        1 
_diffrn_radiation.wavelength_id                    1 
_diffrn_radiation.pdbx_monochromatic_or_laue_m_l   M 
_diffrn_radiation.monochromator                    'SI(III)' 
_diffrn_radiation.pdbx_diffrn_protocol             MAD 
_diffrn_radiation.pdbx_scattering_type             x-ray 
# 
_diffrn_radiation_wavelength.id           1 
_diffrn_radiation_wavelength.wavelength   . 
_diffrn_radiation_wavelength.wt           1.0 
# 
_diffrn_source.diffrn_id                   1 
_diffrn_source.source                      SYNCHROTRON 
_diffrn_source.type                        'LURE BEAMLINE DW21B' 
_diffrn_source.pdbx_synchrotron_site       LURE 
_diffrn_source.pdbx_synchrotron_beamline   DW21B 
_diffrn_source.pdbx_wavelength             ? 
_diffrn_source.pdbx_wavelength_list        ? 
# 
_reflns.entry_id                     376D 
_reflns.observed_criterion_sigma_I   3.000 
_reflns.observed_criterion_sigma_F   ? 
_reflns.d_resolution_low             15.000 
_reflns.d_resolution_high            2.100 
_reflns.number_obs                   1832 
_reflns.number_all                   ? 
_reflns.percent_possible_obs         95.000 
_reflns.pdbx_Rmerge_I_obs            0.053 
_reflns.pdbx_Rsym_value              ? 
_reflns.pdbx_netI_over_sigmaI        11.3000 
_reflns.B_iso_Wilson_estimate        ? 
_reflns.pdbx_redundancy              ? 
_reflns.pdbx_diffrn_id               1 
_reflns.pdbx_ordinal                 1 
# 
_reflns_shell.d_res_high             2.100 
_reflns_shell.d_res_low              ? 
_reflns_shell.percent_possible_all   61.00 
_reflns_shell.Rmerge_I_obs           0.148 
_reflns_shell.pdbx_Rsym_value        ? 
_reflns_shell.meanI_over_sigI_obs    4.200 
_reflns_shell.pdbx_redundancy        ? 
_reflns_shell.pdbx_diffrn_id         ? 
_reflns_shell.pdbx_ordinal           1 
# 
_refine.entry_id                                 376D 
_refine.ls_number_reflns_obs                     1832 
_refine.ls_number_reflns_all                     ? 
_refine.pdbx_ls_sigma_I                          ? 
_refine.pdbx_ls_sigma_F                          ? 
_refine.pdbx_data_cutoff_high_absF               ? 
_refine.pdbx_data_cutoff_low_absF                ? 
_refine.pdbx_data_cutoff_high_rms_absF           ? 
_refine.ls_d_res_low                             15.000 
_refine.ls_d_res_high                            2.100 
_refine.ls_percent_reflns_obs                    95.000 
_refine.ls_R_factor_obs                          0.189 
_refine.ls_R_factor_all                          ? 
_refine.ls_R_factor_R_work                       0.189 
_refine.ls_R_factor_R_free                       0.241 
_refine.ls_R_factor_R_free_error                 ? 
_refine.ls_R_factor_R_free_error_details         ? 
_refine.ls_percent_reflns_R_free                 10.000 
_refine.ls_number_reflns_R_free                  183 
_refine.ls_number_parameters                     ? 
_refine.ls_number_restraints                     ? 
_refine.occupancy_min                            ? 
_refine.occupancy_max                            ? 
_refine.B_iso_mean                               ? 
_refine.aniso_B[1][1]                            ? 
_refine.aniso_B[2][2]                            ? 
_refine.aniso_B[3][3]                            ? 
_refine.aniso_B[1][2]                            ? 
_refine.aniso_B[1][3]                            ? 
_refine.aniso_B[2][3]                            ? 
_refine.solvent_model_details                    ? 
_refine.solvent_model_param_ksol                 ? 
_refine.solvent_model_param_bsol                 ? 
_refine.pdbx_ls_cross_valid_method               ? 
_refine.details                                  ? 
_refine.pdbx_starting_model                      'MANUALLY BUILT IN THE EXPERIMENTAL DENSITY' 
_refine.pdbx_method_to_determine_struct          'MAD AT BROMINE EDGE' 
_refine.pdbx_isotropic_thermal_model             ? 
_refine.pdbx_stereochemistry_target_values       ? 
_refine.pdbx_stereochem_target_val_spec_case     ? 
_refine.pdbx_R_Free_selection_details            ? 
_refine.pdbx_overall_ESU_R                       ? 
_refine.pdbx_overall_ESU_R_Free                  ? 
_refine.overall_SU_ML                            ? 
_refine.overall_SU_B                             ? 
_refine.pdbx_refine_id                           'X-RAY DIFFRACTION' 
_refine.pdbx_diffrn_id                           1 
_refine.pdbx_TLS_residual_ADP_flag               ? 
_refine.correlation_coeff_Fo_to_Fc               ? 
_refine.correlation_coeff_Fo_to_Fc_free          ? 
_refine.pdbx_solvent_vdw_probe_radii             ? 
_refine.pdbx_solvent_ion_probe_radii             ? 
_refine.pdbx_solvent_shrinkage_radii             ? 
_refine.pdbx_overall_phase_error                 ? 
_refine.overall_SU_R_Cruickshank_DPI             ? 
_refine.pdbx_overall_SU_R_free_Cruickshank_DPI   ? 
_refine.pdbx_overall_SU_R_Blow_DPI               ? 
_refine.pdbx_overall_SU_R_free_Blow_DPI          ? 
# 
_refine_analyze.entry_id                        376D 
_refine_analyze.Luzzati_coordinate_error_obs    0.15 
_refine_analyze.Luzzati_sigma_a_obs             ? 
_refine_analyze.Luzzati_d_res_low_obs           15.0 
_refine_analyze.Luzzati_coordinate_error_free   ? 
_refine_analyze.Luzzati_sigma_a_free            ? 
_refine_analyze.Luzzati_d_res_low_free          ? 
_refine_analyze.number_disordered_residues      ? 
_refine_analyze.occupancy_sum_hydrogen          ? 
_refine_analyze.occupancy_sum_non_hydrogen      ? 
_refine_analyze.pdbx_refine_id                  'X-RAY DIFFRACTION' 
# 
_refine_hist.pdbx_refine_id                   'X-RAY DIFFRACTION' 
_refine_hist.cycle_id                         LAST 
_refine_hist.pdbx_number_atoms_protein        0 
_refine_hist.pdbx_number_atoms_nucleic_acid   184 
_refine_hist.pdbx_number_atoms_ligand         4 
_refine_hist.number_atoms_solvent             18 
_refine_hist.number_atoms_total               206 
_refine_hist.d_res_high                       2.100 
_refine_hist.d_res_low                        15.000 
# 
loop_
_refine_ls_restr.type 
_refine_ls_restr.dev_ideal 
_refine_ls_restr.dev_ideal_target 
_refine_ls_restr.weight 
_refine_ls_restr.number 
_refine_ls_restr.pdbx_refine_id 
_refine_ls_restr.pdbx_restraint_function 
x_bond_d                0.012 ? ? ? 'X-RAY DIFFRACTION' ? 
x_bond_d_na             ?     ? ? ? 'X-RAY DIFFRACTION' ? 
x_bond_d_prot           ?     ? ? ? 'X-RAY DIFFRACTION' ? 
x_angle_d               0.023 ? ? ? 'X-RAY DIFFRACTION' ? 
x_angle_d_na            ?     ? ? ? 'X-RAY DIFFRACTION' ? 
x_angle_d_prot          ?     ? ? ? 'X-RAY DIFFRACTION' ? 
x_angle_deg             2.30  ? ? ? 'X-RAY DIFFRACTION' ? 
x_angle_deg_na          ?     ? ? ? 'X-RAY DIFFRACTION' ? 
x_angle_deg_prot        ?     ? ? ? 'X-RAY DIFFRACTION' ? 
x_dihedral_angle_d      ?     ? ? ? 'X-RAY DIFFRACTION' ? 
x_dihedral_angle_d_na   ?     ? ? ? 'X-RAY DIFFRACTION' ? 
x_dihedral_angle_d_prot ?     ? ? ? 'X-RAY DIFFRACTION' ? 
x_improper_angle_d      ?     ? ? ? 'X-RAY DIFFRACTION' ? 
x_improper_angle_d_na   ?     ? ? ? 'X-RAY DIFFRACTION' ? 
x_improper_angle_d_prot ?     ? ? ? 'X-RAY DIFFRACTION' ? 
x_mcbond_it             ?     ? ? ? 'X-RAY DIFFRACTION' ? 
x_mcangle_it            ?     ? ? ? 'X-RAY DIFFRACTION' ? 
x_scbond_it             ?     ? ? ? 'X-RAY DIFFRACTION' ? 
x_scangle_it            ?     ? ? ? 'X-RAY DIFFRACTION' ? 
# 
_struct.entry_id                  376D 
_struct.title                     'A ZIPPER-LIKE DNA DUPLEX D(GCGAAAGCT)' 
_struct.pdbx_model_details        ? 
_struct.pdbx_CASP_flag            ? 
_struct.pdbx_model_type_details   ? 
# 
_struct_keywords.entry_id        376D 
_struct_keywords.pdbx_keywords   DNA 
_struct_keywords.text            'RIGHT HANDED DNA, DOUBLE HELIX, OVERHANGING BASE, MODIFIED, MISMATCHED, DNA' 
# 
loop_
_struct_asym.id 
_struct_asym.pdbx_blank_PDB_chainid_flag 
_struct_asym.pdbx_modified 
_struct_asym.entity_id 
_struct_asym.details 
A N N 1 ? 
B N N 2 ? 
C N N 3 ? 
# 
_struct_ref.id                         1 
_struct_ref.entity_id                  1 
_struct_ref.db_name                    PDB 
_struct_ref.db_code                    376D 
_struct_ref.pdbx_db_accession          376D 
_struct_ref.pdbx_db_isoform            ? 
_struct_ref.pdbx_seq_one_letter_code   ? 
_struct_ref.pdbx_align_begin           ? 
# 
_struct_ref_seq.align_id                      1 
_struct_ref_seq.ref_id                        1 
_struct_ref_seq.pdbx_PDB_id_code              376D 
_struct_ref_seq.pdbx_strand_id                A 
_struct_ref_seq.seq_align_beg                 1 
_struct_ref_seq.pdbx_seq_align_beg_ins_code   ? 
_struct_ref_seq.seq_align_end                 9 
_struct_ref_seq.pdbx_seq_align_end_ins_code   ? 
_struct_ref_seq.pdbx_db_accession             376D 
_struct_ref_seq.db_align_beg                  1 
_struct_ref_seq.pdbx_db_align_beg_ins_code    ? 
_struct_ref_seq.db_align_end                  9 
_struct_ref_seq.pdbx_db_align_end_ins_code    ? 
_struct_ref_seq.pdbx_auth_seq_align_beg       1 
_struct_ref_seq.pdbx_auth_seq_align_end       9 
# 
_pdbx_struct_assembly.id                   1 
_pdbx_struct_assembly.details              author_defined_assembly 
_pdbx_struct_assembly.method_details       ? 
_pdbx_struct_assembly.oligomeric_details   dimeric 
_pdbx_struct_assembly.oligomeric_count     2 
# 
_pdbx_struct_assembly_gen.assembly_id       1 
_pdbx_struct_assembly_gen.oper_expression   1,2 
_pdbx_struct_assembly_gen.asym_id_list      A,B,C 
# 
loop_
_pdbx_struct_oper_list.id 
_pdbx_struct_oper_list.type 
_pdbx_struct_oper_list.name 
_pdbx_struct_oper_list.symmetry_operation 
_pdbx_struct_oper_list.matrix[1][1] 
_pdbx_struct_oper_list.matrix[1][2] 
_pdbx_struct_oper_list.matrix[1][3] 
_pdbx_struct_oper_list.vector[1] 
_pdbx_struct_oper_list.matrix[2][1] 
_pdbx_struct_oper_list.matrix[2][2] 
_pdbx_struct_oper_list.matrix[2][3] 
_pdbx_struct_oper_list.vector[2] 
_pdbx_struct_oper_list.matrix[3][1] 
_pdbx_struct_oper_list.matrix[3][2] 
_pdbx_struct_oper_list.matrix[3][3] 
_pdbx_struct_oper_list.vector[3] 
1 'identity operation'         1_555  x,y,z            1.0000000000 0.0000000000 0.0000000000  0.0000000000  0.0000000000 1.0000000000  0.0000000000  0.0000000000  0.0000000000  0.0000000000  1.0000000000  0.0000000000  
2 'crystal symmetry operation' 10_665 -y+1,-x+1,-z+1/2 0.6929038364 0.4327785600 -0.5767035560 -0.3460976230 0.4327785600 -0.8893633070 -0.1474300720 -0.4176160333 -0.5767035560 -0.1474300720 -0.8035405294 -1.3293576069 
# 
_struct_biol.id   1 
# 
loop_
_struct_conn.id 
_struct_conn.conn_type_id 
_struct_conn.pdbx_leaving_atom_flag 
_struct_conn.pdbx_PDB_id 
_struct_conn.ptnr1_label_asym_id 
_struct_conn.ptnr1_label_comp_id 
_struct_conn.ptnr1_label_seq_id 
_struct_conn.ptnr1_label_atom_id 
_struct_conn.pdbx_ptnr1_label_alt_id 
_struct_conn.pdbx_ptnr1_PDB_ins_code 
_struct_conn.pdbx_ptnr1_standard_comp_id 
_struct_conn.ptnr1_symmetry 
_struct_conn.ptnr2_label_asym_id 
_struct_conn.ptnr2_label_comp_id 
_struct_conn.ptnr2_label_seq_id 
_struct_conn.ptnr2_label_atom_id 
_struct_conn.pdbx_ptnr2_label_alt_id 
_struct_conn.pdbx_ptnr2_PDB_ins_code 
_struct_conn.ptnr1_auth_asym_id 
_struct_conn.ptnr1_auth_comp_id 
_struct_conn.ptnr1_auth_seq_id 
_struct_conn.ptnr2_auth_asym_id 
_struct_conn.ptnr2_auth_comp_id 
_struct_conn.ptnr2_auth_seq_id 
_struct_conn.ptnr2_symmetry 
_struct_conn.pdbx_ptnr3_label_atom_id 
_struct_conn.pdbx_ptnr3_label_seq_id 
_struct_conn.pdbx_ptnr3_label_comp_id 
_struct_conn.pdbx_ptnr3_label_asym_id 
_struct_conn.pdbx_ptnr3_label_alt_id 
_struct_conn.pdbx_ptnr3_PDB_ins_code 
_struct_conn.details 
_struct_conn.pdbx_dist_value 
_struct_conn.pdbx_value_order 
_struct_conn.pdbx_role 
covale1  covale both ? A DG  1 "O3'" ? ? ? 1_555 A CBR 2 P  ? ? A DG  1 A CBR 2 1_555 ? ? ? ? ? ? ?            1.602 ? ? 
covale2  covale both ? A CBR 2 "O3'" ? ? ? 1_555 A DG  3 P  ? ? A CBR 2 A DG  3 1_555 ? ? ? ? ? ? ?            1.612 ? ? 
hydrog1  hydrog ?    ? A DG  1 N1    ? ? ? 1_555 A DC  8 N3 ? ? A DG  1 A DC  8 8_665 ? ? ? ? ? ? WATSON-CRICK ?     ? ? 
hydrog2  hydrog ?    ? A DG  1 N2    ? ? ? 1_555 A DC  8 O2 ? ? A DG  1 A DC  8 8_665 ? ? ? ? ? ? WATSON-CRICK ?     ? ? 
hydrog3  hydrog ?    ? A DG  1 O6    ? ? ? 1_555 A DC  8 N4 ? ? A DG  1 A DC  8 8_665 ? ? ? ? ? ? WATSON-CRICK ?     ? ? 
hydrog4  hydrog ?    ? A CBR 2 N3    ? ? ? 1_555 A DG  7 N1 ? ? A CBR 2 A DG  7 8_665 ? ? ? ? ? ? WATSON-CRICK ?     ? ? 
hydrog5  hydrog ?    ? A CBR 2 N4    ? ? ? 1_555 A DG  7 O6 ? ? A CBR 2 A DG  7 8_665 ? ? ? ? ? ? WATSON-CRICK ?     ? ? 
hydrog6  hydrog ?    ? A CBR 2 O2    ? ? ? 1_555 A DG  7 N2 ? ? A CBR 2 A DG  7 8_665 ? ? ? ? ? ? WATSON-CRICK ?     ? ? 
hydrog7  hydrog ?    ? A DG  3 N2    ? ? ? 1_555 A DA  6 N7 ? ? A DG  3 A DA  6 8_665 ? ? ? ? ? ? TYPE_11_PAIR ?     ? ? 
hydrog8  hydrog ?    ? A DG  3 N3    ? ? ? 1_555 A DA  6 N6 ? ? A DG  3 A DA  6 8_665 ? ? ? ? ? ? TYPE_11_PAIR ?     ? ? 
hydrog9  hydrog ?    ? A DA  6 N6    ? ? ? 1_555 A DG  3 N3 ? ? A DA  6 A DG  3 8_665 ? ? ? ? ? ? TYPE_11_PAIR ?     ? ? 
hydrog10 hydrog ?    ? A DA  6 N7    ? ? ? 1_555 A DG  3 N2 ? ? A DA  6 A DG  3 8_665 ? ? ? ? ? ? TYPE_11_PAIR ?     ? ? 
hydrog11 hydrog ?    ? A DG  7 N1    ? ? ? 1_555 A CBR 2 N3 ? ? A DG  7 A CBR 2 8_665 ? ? ? ? ? ? WATSON-CRICK ?     ? ? 
hydrog12 hydrog ?    ? A DG  7 N2    ? ? ? 1_555 A CBR 2 O2 ? ? A DG  7 A CBR 2 8_665 ? ? ? ? ? ? WATSON-CRICK ?     ? ? 
hydrog13 hydrog ?    ? A DG  7 O6    ? ? ? 1_555 A CBR 2 N4 ? ? A DG  7 A CBR 2 8_665 ? ? ? ? ? ? WATSON-CRICK ?     ? ? 
hydrog14 hydrog ?    ? A DC  8 N3    ? ? ? 1_555 A DG  1 N1 ? ? A DC  8 A DG  1 8_665 ? ? ? ? ? ? WATSON-CRICK ?     ? ? 
hydrog15 hydrog ?    ? A DC  8 N4    ? ? ? 1_555 A DG  1 O6 ? ? A DC  8 A DG  1 8_665 ? ? ? ? ? ? WATSON-CRICK ?     ? ? 
hydrog16 hydrog ?    ? A DC  8 O2    ? ? ? 1_555 A DG  1 N2 ? ? A DC  8 A DG  1 8_665 ? ? ? ? ? ? WATSON-CRICK ?     ? ? 
# 
loop_
_struct_conn_type.id 
_struct_conn_type.criteria 
_struct_conn_type.reference 
covale ? ? 
hydrog ? ? 
# 
_struct_site.id                   AC1 
_struct_site.pdbx_evidence_code   Software 
_struct_site.pdbx_auth_asym_id    A 
_struct_site.pdbx_auth_comp_id    NCO 
_struct_site.pdbx_auth_seq_id     10 
_struct_site.pdbx_auth_ins_code   ? 
_struct_site.pdbx_num_residues    5 
_struct_site.details              'BINDING SITE FOR RESIDUE NCO A 10' 
# 
loop_
_struct_site_gen.id 
_struct_site_gen.site_id 
_struct_site_gen.pdbx_num_res 
_struct_site_gen.label_comp_id 
_struct_site_gen.label_asym_id 
_struct_site_gen.label_seq_id 
_struct_site_gen.pdbx_auth_ins_code 
_struct_site_gen.auth_comp_id 
_struct_site_gen.auth_asym_id 
_struct_site_gen.auth_seq_id 
_struct_site_gen.label_atom_id 
_struct_site_gen.label_alt_id 
_struct_site_gen.symmetry 
_struct_site_gen.details 
1 AC1 5 CBR A 2 ? CBR A 2  . ? 2_655 ? 
2 AC1 5 DG  A 3 ? DG  A 3  . ? 1_555 ? 
3 AC1 5 DG  A 3 ? DG  A 3  . ? 2_655 ? 
4 AC1 5 HOH C . ? HOH A 14 . ? 1_555 ? 
5 AC1 5 HOH C . ? HOH A 23 . ? 2_655 ? 
# 
_pdbx_validate_rmsd_bond.id                        1 
_pdbx_validate_rmsd_bond.PDB_model_num             1 
_pdbx_validate_rmsd_bond.auth_atom_id_1            C4 
_pdbx_validate_rmsd_bond.auth_asym_id_1            A 
_pdbx_validate_rmsd_bond.auth_comp_id_1            DT 
_pdbx_validate_rmsd_bond.auth_seq_id_1             9 
_pdbx_validate_rmsd_bond.PDB_ins_code_1            ? 
_pdbx_validate_rmsd_bond.label_alt_id_1            ? 
_pdbx_validate_rmsd_bond.auth_atom_id_2            O4 
_pdbx_validate_rmsd_bond.auth_asym_id_2            A 
_pdbx_validate_rmsd_bond.auth_comp_id_2            DT 
_pdbx_validate_rmsd_bond.auth_seq_id_2             9 
_pdbx_validate_rmsd_bond.PDB_ins_code_2            ? 
_pdbx_validate_rmsd_bond.label_alt_id_2            ? 
_pdbx_validate_rmsd_bond.bond_value                1.336 
_pdbx_validate_rmsd_bond.bond_target_value         1.228 
_pdbx_validate_rmsd_bond.bond_deviation            0.108 
_pdbx_validate_rmsd_bond.bond_standard_deviation   0.009 
_pdbx_validate_rmsd_bond.linker_flag               N 
# 
loop_
_pdbx_validate_rmsd_angle.id 
_pdbx_validate_rmsd_angle.PDB_model_num 
_pdbx_validate_rmsd_angle.auth_atom_id_1 
_pdbx_validate_rmsd_angle.auth_asym_id_1 
_pdbx_validate_rmsd_angle.auth_comp_id_1 
_pdbx_validate_rmsd_angle.auth_seq_id_1 
_pdbx_validate_rmsd_angle.PDB_ins_code_1 
_pdbx_validate_rmsd_angle.label_alt_id_1 
_pdbx_validate_rmsd_angle.auth_atom_id_2 
_pdbx_validate_rmsd_angle.auth_asym_id_2 
_pdbx_validate_rmsd_angle.auth_comp_id_2 
_pdbx_validate_rmsd_angle.auth_seq_id_2 
_pdbx_validate_rmsd_angle.PDB_ins_code_2 
_pdbx_validate_rmsd_angle.label_alt_id_2 
_pdbx_validate_rmsd_angle.auth_atom_id_3 
_pdbx_validate_rmsd_angle.auth_asym_id_3 
_pdbx_validate_rmsd_angle.auth_comp_id_3 
_pdbx_validate_rmsd_angle.auth_seq_id_3 
_pdbx_validate_rmsd_angle.PDB_ins_code_3 
_pdbx_validate_rmsd_angle.label_alt_id_3 
_pdbx_validate_rmsd_angle.angle_value 
_pdbx_validate_rmsd_angle.angle_target_value 
_pdbx_validate_rmsd_angle.angle_deviation 
_pdbx_validate_rmsd_angle.angle_standard_deviation 
_pdbx_validate_rmsd_angle.linker_flag 
1  1 "O4'" A DG 1 ? ? "C1'" A DG 1 ? ? N9    A DG  1 ? ? 111.98 108.30 3.68  0.30 N 
2  1 C6    A DG 1 ? ? N1    A DG 1 ? ? C2    A DG  1 ? ? 120.87 125.10 -4.23 0.60 N 
3  1 N1    A DG 1 ? ? C2    A DG 1 ? ? N3    A DG  1 ? ? 127.96 123.90 4.06  0.60 N 
4  1 N9    A DG 1 ? ? C4    A DG 1 ? ? C5    A DG  1 ? ? 108.00 105.40 2.60  0.40 N 
5  1 N1    A DG 1 ? ? C6    A DG 1 ? ? O6    A DG  1 ? ? 115.17 119.90 -4.73 0.60 N 
6  1 "C3'" A DG 1 ? ? "O3'" A DG 1 ? ? P     A CBR 2 ? ? 129.62 119.70 9.92  1.20 Y 
7  1 "C3'" A DG 3 ? ? "C2'" A DG 3 ? ? "C1'" A DG  3 ? ? 94.57  102.40 -7.83 0.80 N 
8  1 "O4'" A DG 3 ? ? "C1'" A DG 3 ? ? N9    A DG  3 ? ? 117.13 108.30 8.83  0.30 N 
9  1 C5    A DG 3 ? ? C6    A DG 3 ? ? O6    A DG  3 ? ? 123.63 128.60 -4.97 0.60 N 
10 1 N1    A DA 4 ? ? C2    A DA 4 ? ? N3    A DA  4 ? ? 125.57 129.30 -3.73 0.50 N 
11 1 "O4'" A DA 5 ? ? "C1'" A DA 5 ? ? N9    A DA  5 ? ? 111.53 108.30 3.23  0.30 N 
12 1 N1    A DA 5 ? ? C2    A DA 5 ? ? N3    A DA  5 ? ? 126.18 129.30 -3.12 0.50 N 
13 1 N1    A DA 6 ? ? C2    A DA 6 ? ? N3    A DA  6 ? ? 124.93 129.30 -4.37 0.50 N 
14 1 "O4'" A DG 7 ? ? "C1'" A DG 7 ? ? N9    A DG  7 ? ? 110.73 108.30 2.43  0.30 N 
15 1 "O4'" A DC 8 ? ? "C1'" A DC 8 ? ? N1    A DC  8 ? ? 114.03 108.30 5.73  0.30 N 
16 1 "O4'" A DT 9 ? ? "C1'" A DT 9 ? ? N1    A DT  9 ? ? 111.85 108.30 3.55  0.30 N 
17 1 C2    A DT 9 ? ? N3    A DT 9 ? ? C4    A DT  9 ? ? 122.24 127.20 -4.96 0.60 N 
18 1 N3    A DT 9 ? ? C4    A DT 9 ? ? C5    A DT  9 ? ? 119.59 115.20 4.39  0.60 N 
# 
_pdbx_struct_mod_residue.id               1 
_pdbx_struct_mod_residue.label_asym_id    A 
_pdbx_struct_mod_residue.label_comp_id    CBR 
_pdbx_struct_mod_residue.label_seq_id     2 
_pdbx_struct_mod_residue.auth_asym_id     A 
_pdbx_struct_mod_residue.auth_comp_id     CBR 
_pdbx_struct_mod_residue.auth_seq_id      2 
_pdbx_struct_mod_residue.PDB_ins_code     ? 
_pdbx_struct_mod_residue.parent_comp_id   DC 
_pdbx_struct_mod_residue.details          ? 
# 
_pdbx_struct_special_symmetry.id              1 
_pdbx_struct_special_symmetry.PDB_model_num   1 
_pdbx_struct_special_symmetry.auth_asym_id    A 
_pdbx_struct_special_symmetry.auth_comp_id    NCO 
_pdbx_struct_special_symmetry.auth_seq_id     10 
_pdbx_struct_special_symmetry.PDB_ins_code    ? 
_pdbx_struct_special_symmetry.label_asym_id   B 
_pdbx_struct_special_symmetry.label_comp_id   NCO 
_pdbx_struct_special_symmetry.label_seq_id    . 
# 
loop_
_chem_comp_atom.comp_id 
_chem_comp_atom.atom_id 
_chem_comp_atom.type_symbol 
_chem_comp_atom.pdbx_aromatic_flag 
_chem_comp_atom.pdbx_stereo_config 
_chem_comp_atom.pdbx_ordinal 
CBR BR     BR N N 1   
CBR P      P  N N 2   
CBR OP1    O  N N 3   
CBR OP2    O  N N 4   
CBR "O5'"  O  N N 5   
CBR N1     N  N N 6   
CBR C6     C  N N 7   
CBR C2     C  N N 8   
CBR O2     O  N N 9   
CBR N3     N  N N 10  
CBR C4     C  N N 11  
CBR N4     N  N N 12  
CBR C5     C  N N 13  
CBR "C2'"  C  N N 14  
CBR "C5'"  C  N N 15  
CBR "C4'"  C  N R 16  
CBR "O4'"  O  N N 17  
CBR "C1'"  C  N R 18  
CBR "C3'"  C  N S 19  
CBR "O3'"  O  N N 20  
CBR OP3    O  N N 21  
CBR HOP2   H  N N 22  
CBR H6     H  N N 23  
CBR H41    H  N N 24  
CBR H42    H  N N 25  
CBR "H2'"  H  N N 26  
CBR "H2''" H  N N 27  
CBR "H5'"  H  N N 28  
CBR "H5''" H  N N 29  
CBR "H4'"  H  N N 30  
CBR "H1'"  H  N N 31  
CBR "H3'"  H  N N 32  
CBR "HO3'" H  N N 33  
CBR HOP3   H  N N 34  
DA  OP3    O  N N 35  
DA  P      P  N N 36  
DA  OP1    O  N N 37  
DA  OP2    O  N N 38  
DA  "O5'"  O  N N 39  
DA  "C5'"  C  N N 40  
DA  "C4'"  C  N R 41  
DA  "O4'"  O  N N 42  
DA  "C3'"  C  N S 43  
DA  "O3'"  O  N N 44  
DA  "C2'"  C  N N 45  
DA  "C1'"  C  N R 46  
DA  N9     N  Y N 47  
DA  C8     C  Y N 48  
DA  N7     N  Y N 49  
DA  C5     C  Y N 50  
DA  C6     C  Y N 51  
DA  N6     N  N N 52  
DA  N1     N  Y N 53  
DA  C2     C  Y N 54  
DA  N3     N  Y N 55  
DA  C4     C  Y N 56  
DA  HOP3   H  N N 57  
DA  HOP2   H  N N 58  
DA  "H5'"  H  N N 59  
DA  "H5''" H  N N 60  
DA  "H4'"  H  N N 61  
DA  "H3'"  H  N N 62  
DA  "HO3'" H  N N 63  
DA  "H2'"  H  N N 64  
DA  "H2''" H  N N 65  
DA  "H1'"  H  N N 66  
DA  H8     H  N N 67  
DA  H61    H  N N 68  
DA  H62    H  N N 69  
DA  H2     H  N N 70  
DC  OP3    O  N N 71  
DC  P      P  N N 72  
DC  OP1    O  N N 73  
DC  OP2    O  N N 74  
DC  "O5'"  O  N N 75  
DC  "C5'"  C  N N 76  
DC  "C4'"  C  N R 77  
DC  "O4'"  O  N N 78  
DC  "C3'"  C  N S 79  
DC  "O3'"  O  N N 80  
DC  "C2'"  C  N N 81  
DC  "C1'"  C  N R 82  
DC  N1     N  N N 83  
DC  C2     C  N N 84  
DC  O2     O  N N 85  
DC  N3     N  N N 86  
DC  C4     C  N N 87  
DC  N4     N  N N 88  
DC  C5     C  N N 89  
DC  C6     C  N N 90  
DC  HOP3   H  N N 91  
DC  HOP2   H  N N 92  
DC  "H5'"  H  N N 93  
DC  "H5''" H  N N 94  
DC  "H4'"  H  N N 95  
DC  "H3'"  H  N N 96  
DC  "HO3'" H  N N 97  
DC  "H2'"  H  N N 98  
DC  "H2''" H  N N 99  
DC  "H1'"  H  N N 100 
DC  H41    H  N N 101 
DC  H42    H  N N 102 
DC  H5     H  N N 103 
DC  H6     H  N N 104 
DG  OP3    O  N N 105 
DG  P      P  N N 106 
DG  OP1    O  N N 107 
DG  OP2    O  N N 108 
DG  "O5'"  O  N N 109 
DG  "C5'"  C  N N 110 
DG  "C4'"  C  N R 111 
DG  "O4'"  O  N N 112 
DG  "C3'"  C  N S 113 
DG  "O3'"  O  N N 114 
DG  "C2'"  C  N N 115 
DG  "C1'"  C  N R 116 
DG  N9     N  Y N 117 
DG  C8     C  Y N 118 
DG  N7     N  Y N 119 
DG  C5     C  Y N 120 
DG  C6     C  N N 121 
DG  O6     O  N N 122 
DG  N1     N  N N 123 
DG  C2     C  N N 124 
DG  N2     N  N N 125 
DG  N3     N  N N 126 
DG  C4     C  Y N 127 
DG  HOP3   H  N N 128 
DG  HOP2   H  N N 129 
DG  "H5'"  H  N N 130 
DG  "H5''" H  N N 131 
DG  "H4'"  H  N N 132 
DG  "H3'"  H  N N 133 
DG  "HO3'" H  N N 134 
DG  "H2'"  H  N N 135 
DG  "H2''" H  N N 136 
DG  "H1'"  H  N N 137 
DG  H8     H  N N 138 
DG  H1     H  N N 139 
DG  H21    H  N N 140 
DG  H22    H  N N 141 
DT  OP3    O  N N 142 
DT  P      P  N N 143 
DT  OP1    O  N N 144 
DT  OP2    O  N N 145 
DT  "O5'"  O  N N 146 
DT  "C5'"  C  N N 147 
DT  "C4'"  C  N R 148 
DT  "O4'"  O  N N 149 
DT  "C3'"  C  N S 150 
DT  "O3'"  O  N N 151 
DT  "C2'"  C  N N 152 
DT  "C1'"  C  N R 153 
DT  N1     N  N N 154 
DT  C2     C  N N 155 
DT  O2     O  N N 156 
DT  N3     N  N N 157 
DT  C4     C  N N 158 
DT  O4     O  N N 159 
DT  C5     C  N N 160 
DT  C7     C  N N 161 
DT  C6     C  N N 162 
DT  HOP3   H  N N 163 
DT  HOP2   H  N N 164 
DT  "H5'"  H  N N 165 
DT  "H5''" H  N N 166 
DT  "H4'"  H  N N 167 
DT  "H3'"  H  N N 168 
DT  "HO3'" H  N N 169 
DT  "H2'"  H  N N 170 
DT  "H2''" H  N N 171 
DT  "H1'"  H  N N 172 
DT  H3     H  N N 173 
DT  H71    H  N N 174 
DT  H72    H  N N 175 
DT  H73    H  N N 176 
DT  H6     H  N N 177 
HOH O      O  N N 178 
HOH H1     H  N N 179 
HOH H2     H  N N 180 
NCO CO     CO N N 181 
NCO N1     N  N N 182 
NCO N2     N  N N 183 
NCO N3     N  N N 184 
NCO N4     N  N N 185 
NCO N5     N  N N 186 
NCO N6     N  N N 187 
NCO HN11   H  N N 188 
NCO HN12   H  N N 189 
NCO HN13   H  N N 190 
NCO HN21   H  N N 191 
NCO HN22   H  N N 192 
NCO HN23   H  N N 193 
NCO HN31   H  N N 194 
NCO HN32   H  N N 195 
NCO HN33   H  N N 196 
NCO HN41   H  N N 197 
NCO HN42   H  N N 198 
NCO HN43   H  N N 199 
NCO HN51   H  N N 200 
NCO HN52   H  N N 201 
NCO HN53   H  N N 202 
NCO HN61   H  N N 203 
NCO HN62   H  N N 204 
NCO HN63   H  N N 205 
# 
loop_
_chem_comp_bond.comp_id 
_chem_comp_bond.atom_id_1 
_chem_comp_bond.atom_id_2 
_chem_comp_bond.value_order 
_chem_comp_bond.pdbx_aromatic_flag 
_chem_comp_bond.pdbx_stereo_config 
_chem_comp_bond.pdbx_ordinal 
CBR BR    C5     sing N N 1   
CBR P     OP1    doub N N 2   
CBR P     OP2    sing N N 3   
CBR P     "O5'"  sing N N 4   
CBR P     OP3    sing N N 5   
CBR OP2   HOP2   sing N N 6   
CBR "O5'" "C5'"  sing N N 7   
CBR N1    C6     sing N N 8   
CBR N1    C2     sing N N 9   
CBR N1    "C1'"  sing N N 10  
CBR C6    C5     doub N N 11  
CBR C6    H6     sing N N 12  
CBR C2    O2     doub N N 13  
CBR C2    N3     sing N N 14  
CBR N3    C4     doub N N 15  
CBR C4    N4     sing N N 16  
CBR C4    C5     sing N N 17  
CBR N4    H41    sing N N 18  
CBR N4    H42    sing N N 19  
CBR "C2'" "C1'"  sing N N 20  
CBR "C2'" "C3'"  sing N N 21  
CBR "C2'" "H2'"  sing N N 22  
CBR "C2'" "H2''" sing N N 23  
CBR "C5'" "C4'"  sing N N 24  
CBR "C5'" "H5'"  sing N N 25  
CBR "C5'" "H5''" sing N N 26  
CBR "C4'" "O4'"  sing N N 27  
CBR "C4'" "C3'"  sing N N 28  
CBR "C4'" "H4'"  sing N N 29  
CBR "O4'" "C1'"  sing N N 30  
CBR "C1'" "H1'"  sing N N 31  
CBR "C3'" "O3'"  sing N N 32  
CBR "C3'" "H3'"  sing N N 33  
CBR "O3'" "HO3'" sing N N 34  
CBR OP3   HOP3   sing N N 35  
DA  OP3   P      sing N N 36  
DA  OP3   HOP3   sing N N 37  
DA  P     OP1    doub N N 38  
DA  P     OP2    sing N N 39  
DA  P     "O5'"  sing N N 40  
DA  OP2   HOP2   sing N N 41  
DA  "O5'" "C5'"  sing N N 42  
DA  "C5'" "C4'"  sing N N 43  
DA  "C5'" "H5'"  sing N N 44  
DA  "C5'" "H5''" sing N N 45  
DA  "C4'" "O4'"  sing N N 46  
DA  "C4'" "C3'"  sing N N 47  
DA  "C4'" "H4'"  sing N N 48  
DA  "O4'" "C1'"  sing N N 49  
DA  "C3'" "O3'"  sing N N 50  
DA  "C3'" "C2'"  sing N N 51  
DA  "C3'" "H3'"  sing N N 52  
DA  "O3'" "HO3'" sing N N 53  
DA  "C2'" "C1'"  sing N N 54  
DA  "C2'" "H2'"  sing N N 55  
DA  "C2'" "H2''" sing N N 56  
DA  "C1'" N9     sing N N 57  
DA  "C1'" "H1'"  sing N N 58  
DA  N9    C8     sing Y N 59  
DA  N9    C4     sing Y N 60  
DA  C8    N7     doub Y N 61  
DA  C8    H8     sing N N 62  
DA  N7    C5     sing Y N 63  
DA  C5    C6     sing Y N 64  
DA  C5    C4     doub Y N 65  
DA  C6    N6     sing N N 66  
DA  C6    N1     doub Y N 67  
DA  N6    H61    sing N N 68  
DA  N6    H62    sing N N 69  
DA  N1    C2     sing Y N 70  
DA  C2    N3     doub Y N 71  
DA  C2    H2     sing N N 72  
DA  N3    C4     sing Y N 73  
DC  OP3   P      sing N N 74  
DC  OP3   HOP3   sing N N 75  
DC  P     OP1    doub N N 76  
DC  P     OP2    sing N N 77  
DC  P     "O5'"  sing N N 78  
DC  OP2   HOP2   sing N N 79  
DC  "O5'" "C5'"  sing N N 80  
DC  "C5'" "C4'"  sing N N 81  
DC  "C5'" "H5'"  sing N N 82  
DC  "C5'" "H5''" sing N N 83  
DC  "C4'" "O4'"  sing N N 84  
DC  "C4'" "C3'"  sing N N 85  
DC  "C4'" "H4'"  sing N N 86  
DC  "O4'" "C1'"  sing N N 87  
DC  "C3'" "O3'"  sing N N 88  
DC  "C3'" "C2'"  sing N N 89  
DC  "C3'" "H3'"  sing N N 90  
DC  "O3'" "HO3'" sing N N 91  
DC  "C2'" "C1'"  sing N N 92  
DC  "C2'" "H2'"  sing N N 93  
DC  "C2'" "H2''" sing N N 94  
DC  "C1'" N1     sing N N 95  
DC  "C1'" "H1'"  sing N N 96  
DC  N1    C2     sing N N 97  
DC  N1    C6     sing N N 98  
DC  C2    O2     doub N N 99  
DC  C2    N3     sing N N 100 
DC  N3    C4     doub N N 101 
DC  C4    N4     sing N N 102 
DC  C4    C5     sing N N 103 
DC  N4    H41    sing N N 104 
DC  N4    H42    sing N N 105 
DC  C5    C6     doub N N 106 
DC  C5    H5     sing N N 107 
DC  C6    H6     sing N N 108 
DG  OP3   P      sing N N 109 
DG  OP3   HOP3   sing N N 110 
DG  P     OP1    doub N N 111 
DG  P     OP2    sing N N 112 
DG  P     "O5'"  sing N N 113 
DG  OP2   HOP2   sing N N 114 
DG  "O5'" "C5'"  sing N N 115 
DG  "C5'" "C4'"  sing N N 116 
DG  "C5'" "H5'"  sing N N 117 
DG  "C5'" "H5''" sing N N 118 
DG  "C4'" "O4'"  sing N N 119 
DG  "C4'" "C3'"  sing N N 120 
DG  "C4'" "H4'"  sing N N 121 
DG  "O4'" "C1'"  sing N N 122 
DG  "C3'" "O3'"  sing N N 123 
DG  "C3'" "C2'"  sing N N 124 
DG  "C3'" "H3'"  sing N N 125 
DG  "O3'" "HO3'" sing N N 126 
DG  "C2'" "C1'"  sing N N 127 
DG  "C2'" "H2'"  sing N N 128 
DG  "C2'" "H2''" sing N N 129 
DG  "C1'" N9     sing N N 130 
DG  "C1'" "H1'"  sing N N 131 
DG  N9    C8     sing Y N 132 
DG  N9    C4     sing Y N 133 
DG  C8    N7     doub Y N 134 
DG  C8    H8     sing N N 135 
DG  N7    C5     sing Y N 136 
DG  C5    C6     sing N N 137 
DG  C5    C4     doub Y N 138 
DG  C6    O6     doub N N 139 
DG  C6    N1     sing N N 140 
DG  N1    C2     sing N N 141 
DG  N1    H1     sing N N 142 
DG  C2    N2     sing N N 143 
DG  C2    N3     doub N N 144 
DG  N2    H21    sing N N 145 
DG  N2    H22    sing N N 146 
DG  N3    C4     sing N N 147 
DT  OP3   P      sing N N 148 
DT  OP3   HOP3   sing N N 149 
DT  P     OP1    doub N N 150 
DT  P     OP2    sing N N 151 
DT  P     "O5'"  sing N N 152 
DT  OP2   HOP2   sing N N 153 
DT  "O5'" "C5'"  sing N N 154 
DT  "C5'" "C4'"  sing N N 155 
DT  "C5'" "H5'"  sing N N 156 
DT  "C5'" "H5''" sing N N 157 
DT  "C4'" "O4'"  sing N N 158 
DT  "C4'" "C3'"  sing N N 159 
DT  "C4'" "H4'"  sing N N 160 
DT  "O4'" "C1'"  sing N N 161 
DT  "C3'" "O3'"  sing N N 162 
DT  "C3'" "C2'"  sing N N 163 
DT  "C3'" "H3'"  sing N N 164 
DT  "O3'" "HO3'" sing N N 165 
DT  "C2'" "C1'"  sing N N 166 
DT  "C2'" "H2'"  sing N N 167 
DT  "C2'" "H2''" sing N N 168 
DT  "C1'" N1     sing N N 169 
DT  "C1'" "H1'"  sing N N 170 
DT  N1    C2     sing N N 171 
DT  N1    C6     sing N N 172 
DT  C2    O2     doub N N 173 
DT  C2    N3     sing N N 174 
DT  N3    C4     sing N N 175 
DT  N3    H3     sing N N 176 
DT  C4    O4     doub N N 177 
DT  C4    C5     sing N N 178 
DT  C5    C7     sing N N 179 
DT  C5    C6     doub N N 180 
DT  C7    H71    sing N N 181 
DT  C7    H72    sing N N 182 
DT  C7    H73    sing N N 183 
DT  C6    H6     sing N N 184 
HOH O     H1     sing N N 185 
HOH O     H2     sing N N 186 
NCO CO    N1     sing N N 187 
NCO CO    N2     sing N N 188 
NCO CO    N3     sing N N 189 
NCO CO    N4     sing N N 190 
NCO CO    N5     sing N N 191 
NCO CO    N6     sing N N 192 
NCO N1    HN11   sing N N 193 
NCO N1    HN12   sing N N 194 
NCO N1    HN13   sing N N 195 
NCO N2    HN21   sing N N 196 
NCO N2    HN22   sing N N 197 
NCO N2    HN23   sing N N 198 
NCO N3    HN31   sing N N 199 
NCO N3    HN32   sing N N 200 
NCO N3    HN33   sing N N 201 
NCO N4    HN41   sing N N 202 
NCO N4    HN42   sing N N 203 
NCO N4    HN43   sing N N 204 
NCO N5    HN51   sing N N 205 
NCO N5    HN52   sing N N 206 
NCO N5    HN53   sing N N 207 
NCO N6    HN61   sing N N 208 
NCO N6    HN62   sing N N 209 
NCO N6    HN63   sing N N 210 
# 
loop_
_ndb_struct_conf_na.entry_id 
_ndb_struct_conf_na.feature 
376D 'b-form double helix'  
376D 'mismatched base pair' 
376D 'internal loop'        
# 
loop_
_ndb_struct_na_base_pair.model_number 
_ndb_struct_na_base_pair.i_label_asym_id 
_ndb_struct_na_base_pair.i_label_comp_id 
_ndb_struct_na_base_pair.i_label_seq_id 
_ndb_struct_na_base_pair.i_symmetry 
_ndb_struct_na_base_pair.j_label_asym_id 
_ndb_struct_na_base_pair.j_label_comp_id 
_ndb_struct_na_base_pair.j_label_seq_id 
_ndb_struct_na_base_pair.j_symmetry 
_ndb_struct_na_base_pair.shear 
_ndb_struct_na_base_pair.stretch 
_ndb_struct_na_base_pair.stagger 
_ndb_struct_na_base_pair.buckle 
_ndb_struct_na_base_pair.propeller 
_ndb_struct_na_base_pair.opening 
_ndb_struct_na_base_pair.pair_number 
_ndb_struct_na_base_pair.pair_name 
_ndb_struct_na_base_pair.i_auth_asym_id 
_ndb_struct_na_base_pair.i_auth_seq_id 
_ndb_struct_na_base_pair.i_PDB_ins_code 
_ndb_struct_na_base_pair.j_auth_asym_id 
_ndb_struct_na_base_pair.j_auth_seq_id 
_ndb_struct_na_base_pair.j_PDB_ins_code 
_ndb_struct_na_base_pair.hbond_type_28 
_ndb_struct_na_base_pair.hbond_type_12 
1 A DG  1 1_555 A DC 8 8_665 -0.647 -0.153 -0.222 -1.257 6.292   1.074  1 A_DG1:DC8_A  A 1 ? A 8 ? 19 1 
1 A CBR 2 1_555 A DG 7 8_665 0.219  -0.072 -0.208 9.376  8.175   -1.394 2 A_CBR2:DG7_A A 2 ? A 7 ? 19 1 
1 A DG  3 1_555 A DA 6 8_665 6.327  -4.151 1.417  25.035 -14.740 9.917  3 A_DG3:DA6_A  A 3 ? A 6 ? 11 9 
1 A DG  1 1_555 A DC 8 1_555 -0.647 -0.153 -0.222 -1.257 6.292   1.074  4 A_DG1:DC8_A  A 1 ? A 8 ? 19 1 
1 A CBR 2 1_555 A DG 7 1_555 0.219  -0.072 -0.208 9.376  8.175   -1.394 5 A_CBR2:DG7_A A 2 ? A 7 ? 19 1 
1 A DG  3 1_555 A DA 6 1_555 6.327  -4.151 1.417  25.035 -14.740 9.917  6 A_DG3:DA6_A  A 3 ? A 6 ? 11 9 
# 
loop_
_ndb_struct_na_base_pair_step.model_number 
_ndb_struct_na_base_pair_step.i_label_asym_id_1 
_ndb_struct_na_base_pair_step.i_label_comp_id_1 
_ndb_struct_na_base_pair_step.i_label_seq_id_1 
_ndb_struct_na_base_pair_step.i_symmetry_1 
_ndb_struct_na_base_pair_step.j_label_asym_id_1 
_ndb_struct_na_base_pair_step.j_label_comp_id_1 
_ndb_struct_na_base_pair_step.j_label_seq_id_1 
_ndb_struct_na_base_pair_step.j_symmetry_1 
_ndb_struct_na_base_pair_step.i_label_asym_id_2 
_ndb_struct_na_base_pair_step.i_label_comp_id_2 
_ndb_struct_na_base_pair_step.i_label_seq_id_2 
_ndb_struct_na_base_pair_step.i_symmetry_2 
_ndb_struct_na_base_pair_step.j_label_asym_id_2 
_ndb_struct_na_base_pair_step.j_label_comp_id_2 
_ndb_struct_na_base_pair_step.j_label_seq_id_2 
_ndb_struct_na_base_pair_step.j_symmetry_2 
_ndb_struct_na_base_pair_step.shift 
_ndb_struct_na_base_pair_step.slide 
_ndb_struct_na_base_pair_step.rise 
_ndb_struct_na_base_pair_step.tilt 
_ndb_struct_na_base_pair_step.roll 
_ndb_struct_na_base_pair_step.twist 
_ndb_struct_na_base_pair_step.x_displacement 
_ndb_struct_na_base_pair_step.y_displacement 
_ndb_struct_na_base_pair_step.helical_rise 
_ndb_struct_na_base_pair_step.inclination 
_ndb_struct_na_base_pair_step.tip 
_ndb_struct_na_base_pair_step.helical_twist 
_ndb_struct_na_base_pair_step.step_number 
_ndb_struct_na_base_pair_step.step_name 
_ndb_struct_na_base_pair_step.i_auth_asym_id_1 
_ndb_struct_na_base_pair_step.i_auth_seq_id_1 
_ndb_struct_na_base_pair_step.i_PDB_ins_code_1 
_ndb_struct_na_base_pair_step.j_auth_asym_id_1 
_ndb_struct_na_base_pair_step.j_auth_seq_id_1 
_ndb_struct_na_base_pair_step.j_PDB_ins_code_1 
_ndb_struct_na_base_pair_step.i_auth_asym_id_2 
_ndb_struct_na_base_pair_step.i_auth_seq_id_2 
_ndb_struct_na_base_pair_step.i_PDB_ins_code_2 
_ndb_struct_na_base_pair_step.j_auth_asym_id_2 
_ndb_struct_na_base_pair_step.j_auth_seq_id_2 
_ndb_struct_na_base_pair_step.j_PDB_ins_code_2 
1 A DG  1 1_555 A DC 8 8_665 A CBR 2 1_555 A DG 7 8_665 0.234 0.042 3.177 -1.360 0.946 31.025 -0.097 -0.690 3.164 1.767 2.540 
31.068 1 AA_DG1CBR2:DG7DC8_AA A 1 ? A 8 ? A 2 ? A 7 ? 
1 A CBR 2 1_555 A DG 7 8_665 A DG  3 1_555 A DA 6 8_665 0.476 1.572 3.201 -0.143 8.626 51.562 1.206  -0.550 3.403 9.837 0.163 
52.230 2 AA_CBR2DG3:DA6DG7_AA A 2 ? A 7 ? A 3 ? A 6 ? 
1 A DG  1 1_555 A DC 8 1_555 A CBR 2 1_555 A DG 7 1_555 0.234 0.042 3.177 -1.360 0.946 31.025 -0.097 -0.690 3.164 1.767 2.540 
31.068 3 AA_DG1CBR2:DG7DC8_AA A 1 ? A 8 ? A 2 ? A 7 ? 
1 A CBR 2 1_555 A DG 7 1_555 A DG  3 1_555 A DA 6 1_555 0.476 1.572 3.201 -0.143 8.626 51.562 1.206  -0.550 3.403 9.837 0.163 
52.230 4 AA_CBR2DG3:DA6DG7_AA A 2 ? A 7 ? A 3 ? A 6 ? 
# 
_pdbx_initial_refinement_model.accession_code   ? 
_pdbx_initial_refinement_model.id               1 
_pdbx_initial_refinement_model.entity_id_list   ? 
_pdbx_initial_refinement_model.type             other 
_pdbx_initial_refinement_model.source_name      ? 
_pdbx_initial_refinement_model.details          'MANUALLY BUILT IN THE EXPERIMENTAL DENSITY' 
# 
_atom_sites.entry_id                    376D 
_atom_sites.fract_transf_matrix[1][1]   0.02435473 
_atom_sites.fract_transf_matrix[1][2]   -0.00642384 
_atom_sites.fract_transf_matrix[1][3]   0.01762543 
_atom_sites.fract_transf_matrix[2][1]   -0.00392955 
_atom_sites.fract_transf_matrix[2][2]   -0.01365477 
_atom_sites.fract_transf_matrix[2][3]   0.02726126 
_atom_sites.fract_transf_matrix[3][1]   0.00122477 
_atom_sites.fract_transf_matrix[3][2]   -0.01369967 
_atom_sites.fract_transf_matrix[3][3]   -0.00668542 
_atom_sites.fract_transf_vector[1]      0.530352 
_atom_sites.fract_transf_vector[2]      0.498790 
_atom_sites.fract_transf_vector[3]      0.242910 
# 
loop_
_atom_type.symbol 
BR 
C  
CO 
N  
O  
P  
# 
loop_
_atom_site.group_PDB 
_atom_site.id 
_atom_site.type_symbol 
_atom_site.label_atom_id 
_atom_site.label_alt_id 
_atom_site.label_comp_id 
_atom_site.label_asym_id 
_atom_site.label_entity_id 
_atom_site.label_seq_id 
_atom_site.pdbx_PDB_ins_code 
_atom_site.Cartn_x 
_atom_site.Cartn_y 
_atom_site.Cartn_z 
_atom_site.occupancy 
_atom_site.B_iso_or_equiv 
_atom_site.pdbx_formal_charge 
_atom_site.auth_seq_id 
_atom_site.auth_comp_id 
_atom_site.auth_asym_id 
_atom_site.auth_atom_id 
_atom_site.pdbx_PDB_model_num 
ATOM   1   O  "O5'" . DG  A 1 1 ? 6.221   -14.812 -14.712 1.00 62.65 ? 1  DG  A "O5'" 1 
ATOM   2   C  "C5'" . DG  A 1 1 ? 6.366   -13.948 -13.551 1.00 39.76 ? 1  DG  A "C5'" 1 
ATOM   3   C  "C4'" . DG  A 1 1 ? 5.923   -12.572 -13.990 1.00 44.29 ? 1  DG  A "C4'" 1 
ATOM   4   O  "O4'" . DG  A 1 1 ? 4.575   -12.346 -13.639 1.00 29.48 ? 1  DG  A "O4'" 1 
ATOM   5   C  "C3'" . DG  A 1 1 ? 6.722   -11.403 -13.398 1.00 28.50 ? 1  DG  A "C3'" 1 
ATOM   6   O  "O3'" . DG  A 1 1 ? 6.979   -10.418 -14.392 1.00 38.66 ? 1  DG  A "O3'" 1 
ATOM   7   C  "C2'" . DG  A 1 1 ? 5.887   -10.984 -12.191 1.00 24.66 ? 1  DG  A "C2'" 1 
ATOM   8   C  "C1'" . DG  A 1 1 ? 4.477   -11.391 -12.566 1.00 19.22 ? 1  DG  A "C1'" 1 
ATOM   9   N  N9    . DG  A 1 1 ? 3.707   -11.918 -11.428 1.00 15.81 ? 1  DG  A N9    1 
ATOM   10  C  C8    . DG  A 1 1 ? 4.091   -12.546 -10.276 1.00 17.92 ? 1  DG  A C8    1 
ATOM   11  N  N7    . DG  A 1 1 ? 3.094   -12.884 -9.488  1.00 20.52 ? 1  DG  A N7    1 
ATOM   12  C  C5    . DG  A 1 1 ? 1.951   -12.445 -10.164 1.00 17.35 ? 1  DG  A C5    1 
ATOM   13  C  C6    . DG  A 1 1 ? 0.553   -12.468 -9.810  1.00 12.35 ? 1  DG  A C6    1 
ATOM   14  O  O6    . DG  A 1 1 ? -0.032  -12.924 -8.827  1.00 15.07 ? 1  DG  A O6    1 
ATOM   15  N  N1    . DG  A 1 1 ? -0.265  -11.887 -10.766 1.00 15.07 ? 1  DG  A N1    1 
ATOM   16  C  C2    . DG  A 1 1 ? 0.268   -11.328 -11.906 1.00 10.04 ? 1  DG  A C2    1 
ATOM   17  N  N2    . DG  A 1 1 ? -0.616  -10.813 -12.772 1.00 14.62 ? 1  DG  A N2    1 
ATOM   18  N  N3    . DG  A 1 1 ? 1.549   -11.260 -12.264 1.00 11.56 ? 1  DG  A N3    1 
ATOM   19  C  C4    . DG  A 1 1 ? 2.331   -11.838 -11.333 1.00 13.01 ? 1  DG  A C4    1 
HETATM 20  BR BR    . CBR A 1 2 ? 5.397   -9.922  -8.416  1.00 19.56 ? 2  CBR A BR    1 
HETATM 21  P  P     . CBR A 1 2 ? 7.619   -8.958  -14.241 1.00 29.71 ? 2  CBR A P     1 
HETATM 22  O  OP1   . CBR A 1 2 ? 8.227   -8.716  -15.589 1.00 26.34 ? 2  CBR A OP1   1 
HETATM 23  O  OP2   . CBR A 1 2 ? 8.633   -8.867  -13.159 1.00 25.16 ? 2  CBR A OP2   1 
HETATM 24  O  "O5'" . CBR A 1 2 ? 6.356   -8.012  -14.006 1.00 26.05 ? 2  CBR A "O5'" 1 
HETATM 25  N  N1    . CBR A 1 2 ? 2.951   -8.049  -11.157 1.00 17.68 ? 2  CBR A N1    1 
HETATM 26  C  C6    . CBR A 1 2 ? 4.009   -8.552  -10.453 1.00 17.89 ? 2  CBR A C6    1 
HETATM 27  C  C2    . CBR A 1 2 ? 1.644   -8.224  -10.696 1.00 15.22 ? 2  CBR A C2    1 
HETATM 28  O  O2    . CBR A 1 2 ? 0.694   -7.777  -11.348 1.00 13.69 ? 2  CBR A O2    1 
HETATM 29  N  N3    . CBR A 1 2 ? 1.455   -8.918  -9.532  1.00 12.44 ? 2  CBR A N3    1 
HETATM 30  C  C4    . CBR A 1 2 ? 2.536   -9.419  -8.854  1.00 10.25 ? 2  CBR A C4    1 
HETATM 31  N  N4    . CBR A 1 2 ? 2.215   -10.049 -7.714  1.00 12.22 ? 2  CBR A N4    1 
HETATM 32  C  C5    . CBR A 1 2 ? 3.879   -9.241  -9.303  1.00 15.23 ? 2  CBR A C5    1 
HETATM 33  C  "C2'" . CBR A 1 2 ? 4.032   -6.151  -12.347 1.00 38.78 ? 2  CBR A "C2'" 1 
HETATM 34  C  "C5'" . CBR A 1 2 ? 5.332   -8.050  -15.042 1.00 28.18 ? 2  CBR A "C5'" 1 
HETATM 35  C  "C4'" . CBR A 1 2 ? 4.138   -7.326  -14.465 1.00 26.15 ? 2  CBR A "C4'" 1 
HETATM 36  O  "O4'" . CBR A 1 2 ? 3.469   -8.118  -13.520 1.00 19.77 ? 2  CBR A "O4'" 1 
HETATM 37  C  "C1'" . CBR A 1 2 ? 3.040   -7.295  -12.416 1.00 25.79 ? 2  CBR A "C1'" 1 
HETATM 38  C  "C3'" . CBR A 1 2 ? 4.528   -6.013  -13.779 1.00 25.74 ? 2  CBR A "C3'" 1 
HETATM 39  O  "O3'" . CBR A 1 2 ? 3.997   -4.909  -14.511 1.00 25.19 ? 2  CBR A "O3'" 1 
ATOM   40  P  P     . DG  A 1 3 ? 4.258   -3.373  -14.094 1.00 30.02 ? 3  DG  A P     1 
ATOM   41  O  OP1   . DG  A 1 3 ? 3.948   -2.647  -15.344 1.00 35.71 ? 3  DG  A OP1   1 
ATOM   42  O  OP2   . DG  A 1 3 ? 5.670   -3.202  -13.630 1.00 27.51 ? 3  DG  A OP2   1 
ATOM   43  O  "O5'" . DG  A 1 3 ? 3.261   -3.107  -12.886 1.00 21.25 ? 3  DG  A "O5'" 1 
ATOM   44  C  "C5'" . DG  A 1 3 ? 1.831   -3.238  -13.041 1.00 21.24 ? 3  DG  A "C5'" 1 
ATOM   45  C  "C4'" . DG  A 1 3 ? 1.254   -3.275  -11.650 1.00 29.95 ? 3  DG  A "C4'" 1 
ATOM   46  O  "O4'" . DG  A 1 3 ? 1.872   -4.313  -10.911 1.00 18.46 ? 3  DG  A "O4'" 1 
ATOM   47  C  "C3'" . DG  A 1 3 ? 1.484   -2.011  -10.813 1.00 25.40 ? 3  DG  A "C3'" 1 
ATOM   48  O  "O3'" . DG  A 1 3 ? 0.435   -1.833  -9.863  1.00 36.38 ? 3  DG  A "O3'" 1 
ATOM   49  C  "C2'" . DG  A 1 3 ? 2.783   -2.342  -10.052 1.00 21.40 ? 3  DG  A "C2'" 1 
ATOM   50  C  "C1'" . DG  A 1 3 ? 2.341   -3.761  -9.666  1.00 13.64 ? 3  DG  A "C1'" 1 
ATOM   51  N  N9    . DG  A 1 3 ? 3.447   -4.447  -9.010  1.00 15.90 ? 3  DG  A N9    1 
ATOM   52  C  C8    . DG  A 1 3 ? 4.790   -4.340  -9.286  1.00 13.73 ? 3  DG  A C8    1 
ATOM   53  N  N7    . DG  A 1 3 ? 5.531   -5.095  -8.510  1.00 16.35 ? 3  DG  A N7    1 
ATOM   54  C  C5    . DG  A 1 3 ? 4.608   -5.737  -7.693  1.00 14.34 ? 3  DG  A C5    1 
ATOM   55  C  C6    . DG  A 1 3 ? 4.804   -6.683  -6.630  1.00 16.96 ? 3  DG  A C6    1 
ATOM   56  O  O6    . DG  A 1 3 ? 5.901   -7.092  -6.282  1.00 16.03 ? 3  DG  A O6    1 
ATOM   57  N  N1    . DG  A 1 3 ? 3.639   -7.101  -6.024  1.00 14.85 ? 3  DG  A N1    1 
ATOM   58  C  C2    . DG  A 1 3 ? 2.394   -6.656  -6.434  1.00 8.38  ? 3  DG  A C2    1 
ATOM   59  N  N2    . DG  A 1 3 ? 1.340   -7.139  -5.760  1.00 10.59 ? 3  DG  A N2    1 
ATOM   60  N  N3    . DG  A 1 3 ? 2.172   -5.797  -7.429  1.00 10.13 ? 3  DG  A N3    1 
ATOM   61  C  C4    . DG  A 1 3 ? 3.322   -5.353  -7.981  1.00 10.46 ? 3  DG  A C4    1 
ATOM   62  P  P     . DA  A 1 4 ? -0.108  -0.363  -9.497  1.00 32.63 ? 4  DA  A P     1 
ATOM   63  O  OP1   . DA  A 1 4 ? -1.047  -0.079  -10.622 1.00 35.35 ? 4  DA  A OP1   1 
ATOM   64  O  OP2   . DA  A 1 4 ? 1.028   0.600   -9.428  1.00 33.84 ? 4  DA  A OP2   1 
ATOM   65  O  "O5'" . DA  A 1 4 ? -0.851  -0.572  -8.108  1.00 33.33 ? 4  DA  A "O5'" 1 
ATOM   66  C  "C5'" . DA  A 1 4 ? -2.006  -1.451  -8.045  1.00 34.98 ? 4  DA  A "C5'" 1 
ATOM   67  C  "C4'" . DA  A 1 4 ? -1.815  -2.282  -6.788  1.00 28.09 ? 4  DA  A "C4'" 1 
ATOM   68  O  "O4'" . DA  A 1 4 ? -0.654  -3.075  -6.925  1.00 24.66 ? 4  DA  A "O4'" 1 
ATOM   69  C  "C3'" . DA  A 1 4 ? -1.559  -1.453  -5.534  1.00 34.84 ? 4  DA  A "C3'" 1 
ATOM   70  O  "O3'" . DA  A 1 4 ? -2.764  -1.092  -4.858  1.00 43.56 ? 4  DA  A "O3'" 1 
ATOM   71  C  "C2'" . DA  A 1 4 ? -0.676  -2.325  -4.655  1.00 28.48 ? 4  DA  A "C2'" 1 
ATOM   72  C  "C1'" . DA  A 1 4 ? -0.082  -3.319  -5.626  1.00 31.93 ? 4  DA  A "C1'" 1 
ATOM   73  N  N9    . DA  A 1 4 ? 1.374   -3.105  -5.696  1.00 12.76 ? 4  DA  A N9    1 
ATOM   74  C  C8    . DA  A 1 4 ? 2.037   -2.306  -6.590  1.00 17.42 ? 4  DA  A C8    1 
ATOM   75  N  N7    . DA  A 1 4 ? 3.336   -2.304  -6.422  1.00 13.32 ? 4  DA  A N7    1 
ATOM   76  C  C5    . DA  A 1 4 ? 3.516   -3.156  -5.335  1.00 15.77 ? 4  DA  A C5    1 
ATOM   77  C  C6    . DA  A 1 4 ? 4.685   -3.582  -4.647  1.00 11.50 ? 4  DA  A C6    1 
ATOM   78  N  N6    . DA  A 1 4 ? 5.926   -3.201  -4.965  1.00 12.30 ? 4  DA  A N6    1 
ATOM   79  N  N1    . DA  A 1 4 ? 4.493   -4.442  -3.615  1.00 14.83 ? 4  DA  A N1    1 
ATOM   80  C  C2    . DA  A 1 4 ? 3.223   -4.854  -3.251  1.00 10.35 ? 4  DA  A C2    1 
ATOM   81  N  N3    . DA  A 1 4 ? 2.094   -4.490  -3.845  1.00 15.83 ? 4  DA  A N3    1 
ATOM   82  C  C4    . DA  A 1 4 ? 2.325   -3.655  -4.879  1.00 9.41  ? 4  DA  A C4    1 
ATOM   83  P  P     . DA  A 1 5 ? -3.167  0.461   -4.705  1.00 29.12 ? 5  DA  A P     1 
ATOM   84  O  OP1   . DA  A 1 5 ? -4.627  0.347   -4.440  1.00 31.15 ? 5  DA  A OP1   1 
ATOM   85  O  OP2   . DA  A 1 5 ? -2.862  1.231   -5.948  1.00 33.21 ? 5  DA  A OP2   1 
ATOM   86  O  "O5'" . DA  A 1 5 ? -2.279  0.958   -3.472  1.00 34.55 ? 5  DA  A "O5'" 1 
ATOM   87  C  "C5'" . DA  A 1 5 ? -2.679  0.575   -2.134  1.00 30.30 ? 5  DA  A "C5'" 1 
ATOM   88  C  "C4'" . DA  A 1 5 ? -1.713  1.155   -1.138  1.00 37.52 ? 5  DA  A "C4'" 1 
ATOM   89  O  "O4'" . DA  A 1 5 ? -0.396  1.254   -1.641  1.00 31.38 ? 5  DA  A "O4'" 1 
ATOM   90  C  "C3'" . DA  A 1 5 ? -2.067  2.535   -0.583  1.00 31.22 ? 5  DA  A "C3'" 1 
ATOM   91  O  "O3'" . DA  A 1 5 ? -2.272  2.497   0.831   1.00 37.28 ? 5  DA  A "O3'" 1 
ATOM   92  C  "C2'" . DA  A 1 5 ? -0.869  3.419   -0.948  1.00 30.70 ? 5  DA  A "C2'" 1 
ATOM   93  C  "C1'" . DA  A 1 5 ? 0.241   2.374   -0.967  1.00 35.84 ? 5  DA  A "C1'" 1 
ATOM   94  N  N9    . DA  A 1 5 ? 1.405   2.862   -1.715  1.00 20.33 ? 5  DA  A N9    1 
ATOM   95  C  C8    . DA  A 1 5 ? 1.408   3.634   -2.853  1.00 19.32 ? 5  DA  A C8    1 
ATOM   96  N  N7    . DA  A 1 5 ? 2.610   3.917   -3.297  1.00 15.73 ? 5  DA  A N7    1 
ATOM   97  C  C5    . DA  A 1 5 ? 3.449   3.284   -2.382  1.00 16.96 ? 5  DA  A C5    1 
ATOM   98  C  C6    . DA  A 1 5 ? 4.863   3.204   -2.292  1.00 18.02 ? 5  DA  A C6    1 
ATOM   99  N  N6    . DA  A 1 5 ? 5.724   3.758   -3.158  1.00 19.56 ? 5  DA  A N6    1 
ATOM   100 N  N1    . DA  A 1 5 ? 5.377   2.484   -1.258  1.00 19.61 ? 5  DA  A N1    1 
ATOM   101 C  C2    . DA  A 1 5 ? 4.530   1.878   -0.350  1.00 21.30 ? 5  DA  A C2    1 
ATOM   102 N  N3    . DA  A 1 5 ? 3.202   1.922   -0.368  1.00 19.94 ? 5  DA  A N3    1 
ATOM   103 C  C4    . DA  A 1 5 ? 2.725   2.632   -1.409  1.00 20.01 ? 5  DA  A C4    1 
ATOM   104 P  P     . DA  A 1 6 ? -3.509  3.185   1.586   1.00 31.06 ? 6  DA  A P     1 
ATOM   105 O  OP1   . DA  A 1 6 ? -4.713  2.715   0.865   1.00 37.07 ? 6  DA  A OP1   1 
ATOM   106 O  OP2   . DA  A 1 6 ? -3.382  4.683   1.530   1.00 47.48 ? 6  DA  A OP2   1 
ATOM   107 O  "O5'" . DA  A 1 6 ? -3.354  2.678   3.080   1.00 33.14 ? 6  DA  A "O5'" 1 
ATOM   108 C  "C5'" . DA  A 1 6 ? -3.378  1.279   3.443   1.00 38.03 ? 6  DA  A "C5'" 1 
ATOM   109 C  "C4'" . DA  A 1 6 ? -3.607  1.273   4.940   1.00 31.24 ? 6  DA  A "C4'" 1 
ATOM   110 O  "O4'" . DA  A 1 6 ? -2.516  1.826   5.645   1.00 38.30 ? 6  DA  A "O4'" 1 
ATOM   111 C  "C3'" . DA  A 1 6 ? -4.806  2.120   5.379   1.00 29.16 ? 6  DA  A "C3'" 1 
ATOM   112 O  "O3'" . DA  A 1 6 ? -5.418  1.581   6.552   1.00 31.11 ? 6  DA  A "O3'" 1 
ATOM   113 C  "C2'" . DA  A 1 6 ? -4.169  3.500   5.629   1.00 21.62 ? 6  DA  A "C2'" 1 
ATOM   114 C  "C1'" . DA  A 1 6 ? -2.918  3.046   6.341   1.00 20.12 ? 6  DA  A "C1'" 1 
ATOM   115 N  N9    . DA  A 1 6 ? -1.819  4.010   6.159   1.00 15.61 ? 6  DA  A N9    1 
ATOM   116 C  C8    . DA  A 1 6 ? -1.618  4.990   5.239   1.00 18.18 ? 6  DA  A C8    1 
ATOM   117 N  N7    . DA  A 1 6 ? -0.487  5.643   5.412   1.00 15.80 ? 6  DA  A N7    1 
ATOM   118 C  C5    . DA  A 1 6 ? 0.062   5.059   6.545   1.00 12.42 ? 6  DA  A C5    1 
ATOM   119 C  C6    . DA  A 1 6 ? 1.274   5.254   7.259   1.00 18.17 ? 6  DA  A C6    1 
ATOM   120 N  N6    . DA  A 1 6 ? 2.190   6.197   6.999   1.00 17.38 ? 6  DA  A N6    1 
ATOM   121 N  N1    . DA  A 1 6 ? 1.482   4.466   8.356   1.00 15.62 ? 6  DA  A N1    1 
ATOM   122 C  C2    . DA  A 1 6 ? 0.560   3.502   8.726   1.00 16.39 ? 6  DA  A C2    1 
ATOM   123 N  N3    . DA  A 1 6 ? -0.581  3.256   8.090   1.00 17.10 ? 6  DA  A N3    1 
ATOM   124 C  C4    . DA  A 1 6 ? -0.744  4.045   7.012   1.00 13.37 ? 6  DA  A C4    1 
ATOM   125 P  P     . DG  A 1 7 ? -6.780  2.209   7.143   1.00 34.99 ? 7  DG  A P     1 
ATOM   126 O  OP1   . DG  A 1 7 ? -7.527  1.013   7.609   1.00 32.06 ? 7  DG  A OP1   1 
ATOM   127 O  OP2   . DG  A 1 7 ? -7.522  2.973   6.102   1.00 26.70 ? 7  DG  A OP2   1 
ATOM   128 O  "O5'" . DG  A 1 7 ? -6.221  3.150   8.309   1.00 35.33 ? 7  DG  A "O5'" 1 
ATOM   129 C  "C5'" . DG  A 1 7 ? -5.407  2.528   9.326   1.00 24.57 ? 7  DG  A "C5'" 1 
ATOM   130 C  "C4'" . DG  A 1 7 ? -4.753  3.622   10.132  1.00 33.01 ? 7  DG  A "C4'" 1 
ATOM   131 O  "O4'" . DG  A 1 7 ? -3.900  4.371   9.298   1.00 30.85 ? 7  DG  A "O4'" 1 
ATOM   132 C  "C3'" . DG  A 1 7 ? -5.688  4.619   10.806  1.00 39.31 ? 7  DG  A "C3'" 1 
ATOM   133 O  "O3'" . DG  A 1 7 ? -5.328  4.826   12.180  1.00 37.51 ? 7  DG  A "O3'" 1 
ATOM   134 C  "C2'" . DG  A 1 7 ? -5.541  5.907   9.987   1.00 32.91 ? 7  DG  A "C2'" 1 
ATOM   135 C  "C1'" . DG  A 1 7 ? -4.088  5.778   9.584   1.00 31.03 ? 7  DG  A "C1'" 1 
ATOM   136 N  N9    . DG  A 1 7 ? -3.739  6.595   8.420   1.00 17.09 ? 7  DG  A N9    1 
ATOM   137 C  C8    . DG  A 1 7 ? -4.425  7.008   7.321   1.00 15.25 ? 7  DG  A C8    1 
ATOM   138 N  N7    . DG  A 1 7 ? -3.730  7.734   6.478   1.00 17.34 ? 7  DG  A N7    1 
ATOM   139 C  C5    . DG  A 1 7 ? -2.490  7.819   7.098   1.00 15.57 ? 7  DG  A C5    1 
ATOM   140 C  C6    . DG  A 1 7 ? -1.297  8.520   6.715   1.00 14.22 ? 7  DG  A C6    1 
ATOM   141 O  O6    . DG  A 1 7 ? -1.135  9.173   5.699   1.00 17.60 ? 7  DG  A O6    1 
ATOM   142 N  N1    . DG  A 1 7 ? -0.277  8.365   7.614   1.00 14.10 ? 7  DG  A N1    1 
ATOM   143 C  C2    . DG  A 1 7 ? -0.398  7.648   8.778   1.00 13.00 ? 7  DG  A C2    1 
ATOM   144 N  N2    . DG  A 1 7 ? 0.702   7.603   9.533   1.00 18.10 ? 7  DG  A N2    1 
ATOM   145 N  N3    . DG  A 1 7 ? -1.488  6.991   9.182   1.00 17.80 ? 7  DG  A N3    1 
ATOM   146 C  C4    . DG  A 1 7 ? -2.478  7.144   8.289   1.00 18.71 ? 7  DG  A C4    1 
ATOM   147 P  P     . DC  A 1 8 ? -6.473  5.179   13.265  1.00 31.31 ? 8  DC  A P     1 
ATOM   148 O  OP1   . DC  A 1 8 ? -7.133  3.870   13.489  1.00 38.78 ? 8  DC  A OP1   1 
ATOM   149 O  OP2   . DC  A 1 8 ? -7.410  6.200   12.697  1.00 29.79 ? 8  DC  A OP2   1 
ATOM   150 O  "O5'" . DC  A 1 8 ? -5.636  5.729   14.500  1.00 39.66 ? 8  DC  A "O5'" 1 
ATOM   151 C  "C5'" . DC  A 1 8 ? -5.211  7.117   14.480  1.00 44.41 ? 8  DC  A "C5'" 1 
ATOM   152 C  "C4'" . DC  A 1 8 ? -3.705  7.114   14.651  1.00 44.74 ? 8  DC  A "C4'" 1 
ATOM   153 O  "O4'" . DC  A 1 8 ? -3.083  7.150   13.383  1.00 46.44 ? 8  DC  A "O4'" 1 
ATOM   154 C  "C3'" . DC  A 1 8 ? -3.177  8.331   15.408  1.00 46.39 ? 8  DC  A "C3'" 1 
ATOM   155 O  "O3'" . DC  A 1 8 ? -2.060  8.044   16.255  1.00 40.23 ? 8  DC  A "O3'" 1 
ATOM   156 C  "C2'" . DC  A 1 8 ? -2.842  9.332   14.302  1.00 49.75 ? 8  DC  A "C2'" 1 
ATOM   157 C  "C1'" . DC  A 1 8 ? -2.426  8.406   13.167  1.00 29.83 ? 8  DC  A "C1'" 1 
ATOM   158 N  N1    . DC  A 1 8 ? -2.770  9.050   11.887  1.00 20.94 ? 8  DC  A N1    1 
ATOM   159 C  C2    . DC  A 1 8 ? -1.725  9.743   11.279  1.00 15.63 ? 8  DC  A C2    1 
ATOM   160 O  O2    . DC  A 1 8 ? -0.630  9.779   11.825  1.00 14.41 ? 8  DC  A O2    1 
ATOM   161 N  N3    . DC  A 1 8 ? -1.977  10.358  10.088  1.00 19.37 ? 8  DC  A N3    1 
ATOM   162 C  C4    . DC  A 1 8 ? -3.201  10.318  9.504   1.00 16.80 ? 8  DC  A C4    1 
ATOM   163 N  N4    . DC  A 1 8 ? -3.386  10.942  8.341   1.00 13.88 ? 8  DC  A N4    1 
ATOM   164 C  C5    . DC  A 1 8 ? -4.260  9.610   10.136  1.00 15.56 ? 8  DC  A C5    1 
ATOM   165 C  C6    . DC  A 1 8 ? -4.029  9.160   11.381  1.00 17.91 ? 8  DC  A C6    1 
ATOM   166 P  P     . DT  A 1 9 ? -2.241  7.947   17.855  1.00 58.00 ? 9  DT  A P     1 
ATOM   167 O  OP1   . DT  A 1 9 ? -1.062  8.686   18.377  1.00 54.66 ? 9  DT  A OP1   1 
ATOM   168 O  OP2   . DT  A 1 9 ? -2.250  6.516   18.303  1.00 58.17 ? 9  DT  A OP2   1 
ATOM   169 O  "O5'" . DT  A 1 9 ? -3.643  8.650   18.121  1.00 68.73 ? 9  DT  A "O5'" 1 
ATOM   170 C  "C5'" . DT  A 1 9 ? -4.325  8.458   19.387  1.00 69.85 ? 9  DT  A "C5'" 1 
ATOM   171 C  "C4'" . DT  A 1 9 ? -5.229  7.257   19.218  1.00 73.54 ? 9  DT  A "C4'" 1 
ATOM   172 O  "O4'" . DT  A 1 9 ? -6.453  7.475   19.885  1.00 74.12 ? 9  DT  A "O4'" 1 
ATOM   173 C  "C3'" . DT  A 1 9 ? -5.589  6.912   17.779  1.00 68.66 ? 9  DT  A "C3'" 1 
ATOM   174 O  "O3'" . DT  A 1 9 ? -5.569  5.505   17.519  1.00 68.05 ? 9  DT  A "O3'" 1 
ATOM   175 C  "C2'" . DT  A 1 9 ? -6.977  7.525   17.575  1.00 78.99 ? 9  DT  A "C2'" 1 
ATOM   176 C  "C1'" . DT  A 1 9 ? -7.562  7.402   18.970  1.00 79.50 ? 9  DT  A "C1'" 1 
ATOM   177 N  N1    . DT  A 1 9 ? -8.545  8.477   19.212  1.00 78.10 ? 9  DT  A N1    1 
ATOM   178 C  C2    . DT  A 1 9 ? -8.100  9.788   19.238  1.00 79.01 ? 9  DT  A C2    1 
ATOM   179 O  O2    . DT  A 1 9 ? -6.918  10.071  19.067  1.00 73.28 ? 9  DT  A O2    1 
ATOM   180 N  N3    . DT  A 1 9 ? -9.028  10.768  19.465  1.00 67.48 ? 9  DT  A N3    1 
ATOM   181 C  C4    . DT  A 1 9 ? -10.348 10.490  19.659  1.00 72.96 ? 9  DT  A C4    1 
ATOM   182 O  O4    . DT  A 1 9 ? -11.201 11.495  19.875  1.00 77.03 ? 9  DT  A O4    1 
ATOM   183 C  C5    . DT  A 1 9 ? -10.791 9.142   19.634  1.00 61.07 ? 9  DT  A C5    1 
ATOM   184 C  C7    . DT  A 1 9 ? -12.241 8.776   19.841  1.00 65.63 ? 9  DT  A C7    1 
ATOM   185 C  C6    . DT  A 1 9 ? -9.868  8.198   19.402  1.00 80.29 ? 9  DT  A C6    1 
HETATM 186 CO CO    . NCO B 2 . ? 9.610   -6.317  -7.848  0.33 13.07 ? 10 NCO A CO    1 
HETATM 187 N  N1    . NCO B 2 . ? 8.703   -4.756  -8.622  1.00 11.41 ? 10 NCO A N1    1 
HETATM 188 N  N2    . NCO B 2 . ? 10.496  -6.634  -9.558  1.00 12.18 ? 10 NCO A N2    1 
HETATM 189 O  O     . HOH C 3 . ? 3.460   4.869   10.723  1.00 22.96 ? 11 HOH A O     1 
HETATM 190 O  O     . HOH C 3 . ? -5.448  10.781  6.608   1.00 23.66 ? 12 HOH A O     1 
HETATM 191 O  O     . HOH C 3 . ? 7.317   -3.642  -2.938  0.33 20.91 ? 13 HOH A O     1 
HETATM 192 O  O     . HOH C 3 . ? 13.106  -7.429  -9.111  1.00 5.36  ? 14 HOH A O     1 
HETATM 193 O  O     . HOH C 3 . ? 3.362   -9.216  -4.152  1.00 42.30 ? 15 HOH A O     1 
HETATM 194 O  O     . HOH C 3 . ? 1.660   -9.453  -15.337 1.00 30.98 ? 16 HOH A O     1 
HETATM 195 O  O     . HOH C 3 . ? 6.663   -6.214  -2.507  1.00 34.81 ? 17 HOH A O     1 
HETATM 196 O  O     . HOH C 3 . ? 2.183   -8.615  -1.697  1.00 42.61 ? 18 HOH A O     1 
HETATM 197 O  O     . HOH C 3 . ? 7.142   -4.143  -12.139 1.00 25.49 ? 19 HOH A O     1 
HETATM 198 O  O     . HOH C 3 . ? 5.687   -1.433  -7.800  1.00 42.82 ? 20 HOH A O     1 
HETATM 199 O  O     . HOH C 3 . ? 1.425   9.395   13.636  1.00 43.61 ? 21 HOH A O     1 
HETATM 200 O  O     . HOH C 3 . ? -2.376  -1.110  -12.975 1.00 57.42 ? 22 HOH A O     1 
HETATM 201 O  O     . HOH C 3 . ? 8.034   -9.931  -9.628  1.00 53.16 ? 23 HOH A O     1 
HETATM 202 O  O     . HOH C 3 . ? -4.279  9.436   4.161   1.00 27.14 ? 24 HOH A O     1 
HETATM 203 O  O     . HOH C 3 . ? 1.197   1.537   -6.650  1.00 56.54 ? 25 HOH A O     1 
HETATM 204 O  O     . HOH C 3 . ? -1.589  5.024   11.814  1.00 35.03 ? 26 HOH A O     1 
HETATM 205 O  O     . HOH C 3 . ? 7.604   1.972   0.533   1.00 19.91 ? 27 HOH A O     1 
HETATM 206 O  O     . HOH C 3 . ? -4.023  6.417   -0.753  1.00 28.71 ? 28 HOH A O     1 
# 
